data_4P3M
#
_entry.id   4P3M
#
_cell.length_a   146.820
_cell.length_b   64.860
_cell.length_c   116.940
_cell.angle_alpha   90.00
_cell.angle_beta   125.49
_cell.angle_gamma   90.00
#
_symmetry.space_group_name_H-M   'C 1 2 1'
#
loop_
_entity.id
_entity.type
_entity.pdbx_description
1 polymer 'Serine hydroxymethyltransferase'
2 non-polymer 'SULFATE ION'
3 non-polymer 'CHLORIDE ION'
4 non-polymer GLYCEROL
5 water water
#
_entity_poly.entity_id   1
_entity_poly.type   'polypeptide(L)'
_entity_poly.pdbx_seq_one_letter_code
;MFNRDMNIADYDPELWQSITDEVQRQEDHIELIASENYTSPRVMEAQGSQLTNKYAEGYPGKRYYGGCEYVDVAESLAIE
RAKSLFGADYANVQPHSGSQANAAVYQALCAPGDTILGMSLAHGGHLTHGSHVSFSGKMYNAVQYGITPETGILDYAEIE
RLAVEHKPTMIIAGFSAYSGIVDWAKFREIADKVGAYLFVDMAHVAGLVAAGLYPNPVPFADVVTTTTHKTLGGPRGGLI
LAKANEAIEKKLNSAVFPGQQGGPLMHVIAAKAVAFKECAEPEFAVYQQQVLDNAKAMVKSFLARGYKIVSGGTENHLFL
VDLIAQDITGKEADAALGNAHITVNKNSVPNDPRSPFVTSGLRIGTPALARRGVNAQQSAELALWMCDVLDAIKDEAKLA
TTITAVKVKVAALCKACPVYGLEHHHHHH
;
_entity_poly.pdbx_strand_id   A,B
#
loop_
_chem_comp.id
_chem_comp.type
_chem_comp.name
_chem_comp.formula
CL non-polymer 'CHLORIDE ION' 'Cl -1'
GOL non-polymer GLYCEROL 'C3 H8 O3'
SO4 non-polymer 'SULFATE ION' 'O4 S -2'
#
# COMPACT_ATOMS: atom_id res chain seq x y z
N MET A 1 1.42 -7.41 26.69
CA MET A 1 0.10 -7.56 26.02
C MET A 1 -0.48 -6.19 25.67
N PHE A 2 -0.96 -6.04 24.43
CA PHE A 2 -1.77 -4.88 24.08
C PHE A 2 -3.18 -5.07 24.64
N ASN A 3 -3.64 -4.14 25.47
CA ASN A 3 -5.02 -4.15 25.89
C ASN A 3 -5.91 -3.79 24.69
N ARG A 4 -6.93 -4.60 24.39
CA ARG A 4 -7.70 -4.39 23.16
C ARG A 4 -8.57 -3.11 23.17
N ASP A 5 -8.75 -2.54 24.36
CA ASP A 5 -9.47 -1.27 24.53
C ASP A 5 -8.64 -0.05 24.15
N MET A 6 -7.35 -0.23 23.92
CA MET A 6 -6.52 0.90 23.48
C MET A 6 -7.18 1.53 22.26
N ASN A 7 -7.29 2.84 22.27
CA ASN A 7 -8.00 3.55 21.20
C ASN A 7 -7.42 4.91 20.95
N ILE A 8 -7.79 5.49 19.81
CA ILE A 8 -7.20 6.75 19.40
C ILE A 8 -7.79 7.91 20.19
N ALA A 9 -9.08 7.81 20.48
CA ALA A 9 -9.78 8.92 21.11
C ALA A 9 -9.17 9.30 22.46
N ASP A 10 -8.82 8.30 23.27
CA ASP A 10 -8.25 8.51 24.62
C ASP A 10 -6.82 8.99 24.57
N TYR A 11 -6.10 8.55 23.56
CA TYR A 11 -4.66 8.71 23.52
C TYR A 11 -4.15 9.86 22.64
N ASP A 12 -4.85 10.12 21.54
CA ASP A 12 -4.41 11.04 20.50
C ASP A 12 -5.63 11.85 20.05
N PRO A 13 -6.11 12.72 20.93
CA PRO A 13 -7.31 13.50 20.70
C PRO A 13 -7.23 14.33 19.43
N GLU A 14 -6.04 14.80 19.06
CA GLU A 14 -5.97 15.65 17.87
C GLU A 14 -6.11 14.82 16.58
N LEU A 15 -5.50 13.64 16.53
CA LEU A 15 -5.78 12.73 15.43
C LEU A 15 -7.24 12.28 15.41
N TRP A 16 -7.81 12.00 16.58
CA TRP A 16 -9.18 11.52 16.66
C TRP A 16 -10.12 12.59 16.09
N GLN A 17 -9.81 13.85 16.40
CA GLN A 17 -10.60 14.96 15.95
C GLN A 17 -10.61 15.01 14.42
N SER A 18 -9.45 14.78 13.81
CA SER A 18 -9.35 14.82 12.35
C SER A 18 -10.12 13.65 11.76
N ILE A 19 -10.12 12.50 12.44
CA ILE A 19 -10.88 11.37 11.93
C ILE A 19 -12.40 11.59 12.08
N THR A 20 -12.88 12.00 13.25
CA THR A 20 -14.31 12.24 13.41
C THR A 20 -14.82 13.39 12.50
N ASP A 21 -14.00 14.41 12.30
CA ASP A 21 -14.33 15.49 11.35
C ASP A 21 -14.45 14.92 9.94
N GLU A 22 -13.55 14.01 9.57
CA GLU A 22 -13.60 13.48 8.20
C GLU A 22 -14.83 12.60 8.04
N VAL A 23 -15.18 11.88 9.09
CA VAL A 23 -16.38 11.01 9.03
C VAL A 23 -17.64 11.88 8.85
N GLN A 24 -17.70 12.99 9.59
CA GLN A 24 -18.83 13.92 9.52
C GLN A 24 -18.90 14.62 8.16
N ARG A 25 -17.75 15.00 7.64
CA ARG A 25 -17.65 15.59 6.31
C ARG A 25 -18.14 14.64 5.24
N GLN A 26 -17.82 13.35 5.39
CA GLN A 26 -18.28 12.37 4.43
C GLN A 26 -19.81 12.32 4.46
N GLU A 27 -20.43 12.52 5.64
CA GLU A 27 -21.89 12.60 5.70
C GLU A 27 -22.44 13.89 5.12
N ASP A 28 -21.93 15.04 5.56
CA ASP A 28 -22.63 16.30 5.32
C ASP A 28 -22.14 17.10 4.08
N HIS A 29 -21.26 16.49 3.29
CA HIS A 29 -20.88 17.02 2.00
C HIS A 29 -21.28 16.05 0.90
N ILE A 30 -21.84 16.57 -0.18
CA ILE A 30 -22.04 15.77 -1.36
C ILE A 30 -20.69 15.72 -2.09
N GLU A 31 -20.20 14.52 -2.35
CA GLU A 31 -18.92 14.28 -3.01
C GLU A 31 -19.20 13.97 -4.48
N LEU A 32 -18.67 14.83 -5.37
CA LEU A 32 -18.84 14.67 -6.83
C LEU A 32 -17.50 14.45 -7.53
N ILE A 33 -16.53 13.99 -6.76
CA ILE A 33 -15.22 13.61 -7.28
C ILE A 33 -15.35 12.23 -7.91
N ALA A 34 -15.09 12.16 -9.22
CA ALA A 34 -15.39 10.97 -10.01
C ALA A 34 -14.65 9.71 -9.56
N SER A 35 -13.46 9.89 -8.99
CA SER A 35 -12.62 8.75 -8.66
C SER A 35 -12.76 8.35 -7.19
N GLU A 36 -13.78 8.88 -6.52
CA GLU A 36 -14.01 8.50 -5.13
C GLU A 36 -15.24 7.61 -4.99
N ASN A 37 -15.38 6.97 -3.84
CA ASN A 37 -16.56 6.18 -3.55
C ASN A 37 -16.67 6.08 -2.03
N TYR A 38 -17.59 5.24 -1.57
CA TYR A 38 -17.73 4.89 -0.17
C TYR A 38 -17.72 3.37 -0.07
N THR A 39 -16.80 2.81 0.70
CA THR A 39 -16.63 1.38 0.69
C THR A 39 -17.43 0.81 1.87
N SER A 40 -17.67 -0.49 1.87
CA SER A 40 -18.57 -1.02 2.90
C SER A 40 -17.87 -1.17 4.24
N PRO A 41 -18.67 -1.25 5.32
CA PRO A 41 -18.08 -1.56 6.63
C PRO A 41 -17.29 -2.85 6.65
N ARG A 42 -17.59 -3.80 5.75
CA ARG A 42 -16.88 -5.08 5.75
C ARG A 42 -15.45 -4.95 5.22
N VAL A 43 -15.30 -4.10 4.20
CA VAL A 43 -13.99 -3.76 3.66
C VAL A 43 -13.15 -3.07 4.72
N MET A 44 -13.75 -2.08 5.39
CA MET A 44 -13.04 -1.38 6.45
C MET A 44 -12.69 -2.32 7.63
N GLU A 45 -13.60 -3.25 8.00
CA GLU A 45 -13.32 -4.26 9.02
C GLU A 45 -12.05 -5.07 8.72
N ALA A 46 -11.93 -5.52 7.47
CA ALA A 46 -10.78 -6.25 7.03
C ALA A 46 -9.51 -5.38 7.08
N GLN A 47 -9.63 -4.14 6.64
CA GLN A 47 -8.46 -3.27 6.63
C GLN A 47 -7.99 -2.96 8.03
N GLY A 48 -8.89 -3.02 9.01
CA GLY A 48 -8.54 -2.75 10.39
C GLY A 48 -8.17 -4.01 11.18
N SER A 49 -7.92 -5.12 10.49
CA SER A 49 -7.68 -6.42 11.14
C SER A 49 -6.20 -6.70 11.44
N GLN A 50 -5.94 -7.77 12.18
CA GLN A 50 -4.59 -8.14 12.56
C GLN A 50 -3.76 -8.69 11.40
N LEU A 51 -4.36 -8.79 10.22
CA LEU A 51 -3.64 -9.30 9.05
C LEU A 51 -2.51 -8.34 8.66
N THR A 52 -2.57 -7.12 9.18
CA THR A 52 -1.48 -6.16 8.99
C THR A 52 -0.18 -6.68 9.62
N ASN A 53 -0.27 -7.60 10.58
CA ASN A 53 0.95 -8.09 11.23
C ASN A 53 1.71 -9.16 10.44
N LYS A 54 1.13 -9.68 9.36
CA LYS A 54 1.75 -10.81 8.66
C LYS A 54 2.57 -10.38 7.45
N TYR A 55 3.83 -10.78 7.43
CA TYR A 55 4.68 -10.66 6.24
C TYR A 55 4.46 -11.90 5.41
N ALA A 56 4.08 -11.71 4.15
CA ALA A 56 3.82 -12.84 3.24
C ALA A 56 4.34 -12.61 1.82
N GLU A 57 5.61 -12.27 1.67
CA GLU A 57 6.21 -12.29 0.33
C GLU A 57 6.03 -13.63 -0.42
N GLY A 58 5.82 -13.53 -1.73
CA GLY A 58 5.48 -14.69 -2.56
C GLY A 58 3.99 -14.80 -2.77
N TYR A 59 3.53 -15.97 -3.19
CA TYR A 59 2.12 -16.16 -3.49
C TYR A 59 1.58 -17.34 -2.72
N PRO A 60 0.25 -17.48 -2.65
CA PRO A 60 -0.31 -18.54 -1.79
C PRO A 60 0.24 -19.90 -2.13
N GLY A 61 0.68 -20.64 -1.11
CA GLY A 61 1.27 -21.95 -1.32
C GLY A 61 2.72 -21.89 -1.81
N LYS A 62 3.25 -20.68 -1.95
CA LYS A 62 4.58 -20.45 -2.53
C LYS A 62 5.23 -19.27 -1.86
N ARG A 63 5.07 -19.17 -0.55
CA ARG A 63 5.56 -18.01 0.19
C ARG A 63 7.05 -18.11 0.50
N TYR A 64 7.66 -16.96 0.75
CA TYR A 64 9.06 -16.87 1.17
C TYR A 64 9.16 -16.72 2.70
N TYR A 65 8.00 -16.75 3.36
CA TYR A 65 7.91 -16.70 4.83
C TYR A 65 6.96 -17.80 5.32
N GLY A 66 7.23 -18.33 6.51
CA GLY A 66 6.33 -19.29 7.11
C GLY A 66 5.14 -18.61 7.79
N GLY A 67 4.20 -19.43 8.22
CA GLY A 67 3.10 -18.94 9.04
C GLY A 67 1.93 -18.40 8.23
N CYS A 68 1.97 -18.57 6.92
CA CYS A 68 0.97 -17.96 6.01
C CYS A 68 -0.24 -18.83 5.69
N GLU A 69 -0.43 -19.95 6.39
CA GLU A 69 -1.49 -20.86 6.01
C GLU A 69 -2.90 -20.21 6.01
N TYR A 70 -3.18 -19.28 6.90
CA TYR A 70 -4.52 -18.68 6.97
C TYR A 70 -4.65 -17.48 6.06
N VAL A 71 -3.60 -16.66 5.95
CA VAL A 71 -3.65 -15.51 5.07
C VAL A 71 -3.69 -16.00 3.63
N ASP A 72 -3.17 -17.21 3.41
CA ASP A 72 -3.26 -17.82 2.07
C ASP A 72 -4.73 -18.05 1.67
N VAL A 73 -5.61 -18.33 2.63
CA VAL A 73 -7.04 -18.51 2.34
C VAL A 73 -7.63 -17.19 1.89
N ALA A 74 -7.29 -16.12 2.60
CA ALA A 74 -7.85 -14.82 2.28
C ALA A 74 -7.38 -14.40 0.90
N GLU A 75 -6.10 -14.60 0.58
CA GLU A 75 -5.60 -14.18 -0.72
C GLU A 75 -6.16 -15.08 -1.85
N SER A 76 -6.29 -16.38 -1.60
CA SER A 76 -6.88 -17.26 -2.58
C SER A 76 -8.32 -16.91 -2.84
N LEU A 77 -9.05 -16.51 -1.82
CA LEU A 77 -10.43 -16.07 -2.05
C LEU A 77 -10.45 -14.81 -2.92
N ALA A 78 -9.59 -13.85 -2.61
CA ALA A 78 -9.49 -12.62 -3.43
C ALA A 78 -9.19 -12.94 -4.89
N ILE A 79 -8.22 -13.83 -5.09
CA ILE A 79 -7.80 -14.22 -6.43
C ILE A 79 -8.91 -14.93 -7.18
N GLU A 80 -9.53 -15.91 -6.56
N GLU A 80 -9.51 -15.93 -6.54
CA GLU A 80 -10.56 -16.70 -7.25
CA GLU A 80 -10.59 -16.71 -7.14
C GLU A 80 -11.84 -15.86 -7.48
C GLU A 80 -11.80 -15.84 -7.48
N ARG A 81 -12.13 -14.93 -6.59
CA ARG A 81 -13.28 -14.06 -6.79
C ARG A 81 -13.03 -13.00 -7.86
N ALA A 82 -11.80 -12.49 -7.92
CA ALA A 82 -11.45 -11.59 -9.03
C ALA A 82 -11.58 -12.31 -10.36
N LYS A 83 -11.10 -13.54 -10.39
CA LYS A 83 -11.19 -14.38 -11.60
C LYS A 83 -12.64 -14.61 -12.02
N SER A 84 -13.50 -14.93 -11.06
CA SER A 84 -14.89 -15.20 -11.36
CA SER A 84 -14.89 -15.20 -11.38
C SER A 84 -15.63 -13.92 -11.75
N LEU A 85 -15.31 -12.81 -11.10
CA LEU A 85 -15.96 -11.55 -11.40
C LEU A 85 -15.64 -11.04 -12.82
N PHE A 86 -14.42 -11.24 -13.29
CA PHE A 86 -13.99 -10.66 -14.57
C PHE A 86 -13.72 -11.73 -15.64
N GLY A 87 -14.04 -12.99 -15.33
CA GLY A 87 -13.85 -14.07 -16.30
C GLY A 87 -12.40 -14.26 -16.67
N ALA A 88 -11.48 -14.01 -15.73
CA ALA A 88 -10.05 -14.14 -16.00
C ALA A 88 -9.50 -15.50 -15.56
N ASP A 89 -8.40 -15.92 -16.16
CA ASP A 89 -7.75 -17.17 -15.75
C ASP A 89 -6.65 -16.90 -14.77
N TYR A 90 -6.32 -15.63 -14.64
CA TYR A 90 -5.29 -15.19 -13.77
C TYR A 90 -5.65 -13.84 -13.09
N ALA A 91 -5.40 -13.78 -11.78
CA ALA A 91 -5.60 -12.58 -11.01
C ALA A 91 -4.46 -12.39 -10.03
N ASN A 92 -3.92 -11.17 -10.00
CA ASN A 92 -2.91 -10.80 -9.00
C ASN A 92 -3.48 -9.67 -8.17
N VAL A 93 -3.68 -9.95 -6.89
CA VAL A 93 -4.34 -9.01 -6.00
C VAL A 93 -3.37 -8.29 -5.06
N GLN A 94 -2.07 -8.47 -5.29
CA GLN A 94 -1.07 -7.85 -4.44
C GLN A 94 -0.72 -6.37 -4.74
N PRO A 95 -0.99 -5.86 -5.97
CA PRO A 95 -0.58 -4.45 -6.17
C PRO A 95 -1.18 -3.48 -5.17
N HIS A 96 -0.31 -2.64 -4.62
CA HIS A 96 -0.70 -1.72 -3.53
C HIS A 96 -1.63 -0.64 -4.05
N SER A 97 -1.62 -0.44 -5.35
CA SER A 97 -2.35 0.66 -5.94
C SER A 97 -2.46 0.43 -7.45
N GLY A 98 -3.29 1.22 -8.12
CA GLY A 98 -3.35 1.18 -9.57
C GLY A 98 -2.00 1.48 -10.20
N SER A 99 -1.30 2.45 -9.61
CA SER A 99 0.05 2.81 -10.09
C SER A 99 0.97 1.61 -10.08
N GLN A 100 0.92 0.84 -9.00
CA GLN A 100 1.81 -0.32 -8.88
C GLN A 100 1.39 -1.43 -9.84
N ALA A 101 0.08 -1.58 -10.05
CA ALA A 101 -0.40 -2.55 -11.02
C ALA A 101 0.13 -2.21 -12.42
N ASN A 102 -0.02 -0.96 -12.83
CA ASN A 102 0.40 -0.55 -14.17
C ASN A 102 1.93 -0.66 -14.32
N ALA A 103 2.67 -0.25 -13.29
CA ALA A 103 4.11 -0.29 -13.34
C ALA A 103 4.60 -1.73 -13.52
N ALA A 104 3.94 -2.69 -12.86
CA ALA A 104 4.33 -4.10 -13.00
C ALA A 104 4.10 -4.62 -14.42
N VAL A 105 3.04 -4.17 -15.07
CA VAL A 105 2.78 -4.63 -16.42
C VAL A 105 3.89 -4.15 -17.36
N TYR A 106 4.25 -2.88 -17.28
CA TYR A 106 5.35 -2.37 -18.11
C TYR A 106 6.61 -3.20 -17.90
N GLN A 107 6.96 -3.47 -16.65
CA GLN A 107 8.17 -4.24 -16.36
C GLN A 107 8.06 -5.68 -16.89
N ALA A 108 6.88 -6.28 -16.80
CA ALA A 108 6.73 -7.69 -17.21
C ALA A 108 6.86 -7.86 -18.70
N LEU A 109 6.32 -6.89 -19.45
CA LEU A 109 6.09 -7.07 -20.88
C LEU A 109 7.00 -6.26 -21.78
N CYS A 110 7.62 -5.22 -21.23
CA CYS A 110 8.47 -4.33 -22.01
C CYS A 110 9.89 -4.32 -21.51
N ALA A 111 10.80 -4.03 -22.45
CA ALA A 111 12.21 -3.88 -22.16
C ALA A 111 12.54 -2.40 -22.26
N PRO A 112 13.60 -1.96 -21.57
CA PRO A 112 14.03 -0.58 -21.78
C PRO A 112 14.34 -0.34 -23.26
N GLY A 113 13.84 0.76 -23.82
CA GLY A 113 14.05 1.06 -25.23
C GLY A 113 13.00 0.50 -26.17
N ASP A 114 12.18 -0.41 -25.68
CA ASP A 114 11.05 -0.90 -26.46
C ASP A 114 10.14 0.23 -26.90
N THR A 115 9.39 -0.03 -27.97
CA THR A 115 8.45 0.93 -28.48
C THR A 115 7.08 0.58 -27.92
N ILE A 116 6.27 1.61 -27.65
CA ILE A 116 4.95 1.42 -27.06
C ILE A 116 3.96 2.29 -27.75
N LEU A 117 2.83 1.70 -28.11
CA LEU A 117 1.75 2.44 -28.74
C LEU A 117 0.61 2.57 -27.76
N GLY A 118 0.34 3.80 -27.35
CA GLY A 118 -0.70 4.10 -26.39
C GLY A 118 -1.49 5.33 -26.79
N MET A 119 -2.36 5.80 -25.91
CA MET A 119 -3.28 6.88 -26.24
C MET A 119 -2.90 8.16 -25.50
N TYR A 140 11.36 4.00 -22.54
CA TYR A 140 10.41 3.53 -23.56
C TYR A 140 10.15 4.57 -24.65
N ASN A 141 10.16 4.12 -25.91
CA ASN A 141 9.78 4.98 -27.03
C ASN A 141 8.28 4.94 -27.27
N ALA A 142 7.61 6.05 -26.97
CA ALA A 142 6.16 6.10 -27.01
C ALA A 142 5.64 6.76 -28.28
N VAL A 143 4.65 6.11 -28.85
CA VAL A 143 3.94 6.54 -30.04
C VAL A 143 2.48 6.63 -29.63
N GLN A 144 1.86 7.79 -29.80
CA GLN A 144 0.47 7.96 -29.36
C GLN A 144 -0.49 8.00 -30.54
N TYR A 145 -1.70 7.45 -30.34
CA TYR A 145 -2.73 7.44 -31.38
C TYR A 145 -3.93 8.27 -30.95
N ILE A 153 -15.19 8.85 -32.13
CA ILE A 153 -14.85 7.46 -32.45
C ILE A 153 -13.33 7.32 -32.60
N LEU A 154 -12.77 6.23 -32.07
CA LEU A 154 -11.36 5.89 -32.31
C LEU A 154 -11.15 5.56 -33.79
N ASP A 155 -9.96 5.87 -34.29
CA ASP A 155 -9.62 5.61 -35.69
C ASP A 155 -8.77 4.35 -35.77
N TYR A 156 -9.43 3.21 -35.98
CA TYR A 156 -8.73 1.93 -35.90
C TYR A 156 -7.77 1.75 -37.06
N ALA A 157 -8.08 2.37 -38.18
CA ALA A 157 -7.18 2.39 -39.33
C ALA A 157 -5.84 2.97 -38.94
N GLU A 158 -5.87 4.16 -38.33
CA GLU A 158 -4.65 4.85 -37.93
C GLU A 158 -3.91 4.04 -36.87
N ILE A 159 -4.66 3.44 -35.96
CA ILE A 159 -4.04 2.61 -34.92
C ILE A 159 -3.26 1.48 -35.60
N GLU A 160 -3.94 0.74 -36.47
CA GLU A 160 -3.30 -0.31 -37.24
C GLU A 160 -2.10 0.25 -38.01
N ARG A 161 -2.32 1.39 -38.67
CA ARG A 161 -1.25 2.02 -39.42
C ARG A 161 -0.01 2.23 -38.55
N LEU A 162 -0.19 2.88 -37.40
CA LEU A 162 0.92 3.18 -36.50
C LEU A 162 1.57 1.91 -35.95
N ALA A 163 0.74 0.91 -35.63
CA ALA A 163 1.25 -0.37 -35.16
C ALA A 163 2.22 -0.98 -36.18
N VAL A 164 1.78 -1.09 -37.42
CA VAL A 164 2.60 -1.68 -38.47
C VAL A 164 3.83 -0.81 -38.73
N GLU A 165 3.62 0.51 -38.69
CA GLU A 165 4.70 1.47 -38.95
CA GLU A 165 4.70 1.46 -38.96
C GLU A 165 5.82 1.40 -37.92
N HIS A 166 5.48 1.29 -36.64
CA HIS A 166 6.49 1.40 -35.58
C HIS A 166 6.73 0.12 -34.78
N LYS A 167 5.98 -0.92 -35.09
CA LYS A 167 6.18 -2.24 -34.49
C LYS A 167 6.30 -2.16 -32.96
N PRO A 168 5.23 -1.70 -32.29
CA PRO A 168 5.22 -1.63 -30.82
C PRO A 168 5.42 -3.01 -30.18
N THR A 169 6.19 -3.06 -29.09
CA THR A 169 6.28 -4.25 -28.28
C THR A 169 4.95 -4.45 -27.53
N MET A 170 4.27 -3.35 -27.25
CA MET A 170 3.03 -3.36 -26.49
C MET A 170 2.10 -2.27 -26.96
N ILE A 171 0.82 -2.60 -27.13
CA ILE A 171 -0.21 -1.61 -27.36
C ILE A 171 -1.06 -1.43 -26.10
N ILE A 172 -1.34 -0.18 -25.74
CA ILE A 172 -2.08 0.14 -24.54
C ILE A 172 -3.40 0.78 -24.94
N ALA A 173 -4.50 0.28 -24.36
CA ALA A 173 -5.84 0.82 -24.63
C ALA A 173 -6.62 1.00 -23.35
N GLY A 174 -7.72 1.73 -23.42
CA GLY A 174 -8.60 1.88 -22.28
C GLY A 174 -9.62 3.01 -22.41
N GLY A 180 -17.41 6.38 -25.93
CA GLY A 180 -18.30 5.25 -26.09
C GLY A 180 -17.66 3.90 -25.79
N ILE A 181 -18.14 2.87 -26.50
CA ILE A 181 -17.67 1.48 -26.36
C ILE A 181 -16.45 1.15 -27.19
N VAL A 182 -15.36 0.77 -26.55
CA VAL A 182 -14.14 0.38 -27.25
C VAL A 182 -14.22 -1.05 -27.79
N ASP A 183 -13.81 -1.24 -29.05
CA ASP A 183 -13.77 -2.55 -29.69
C ASP A 183 -12.48 -3.29 -29.32
N TRP A 184 -12.57 -4.17 -28.33
CA TRP A 184 -11.40 -4.86 -27.81
C TRP A 184 -10.85 -5.84 -28.84
N ALA A 185 -11.77 -6.46 -29.57
CA ALA A 185 -11.43 -7.48 -30.56
C ALA A 185 -10.56 -6.88 -31.68
N LYS A 186 -10.90 -5.66 -32.09
CA LYS A 186 -10.13 -4.93 -33.08
C LYS A 186 -8.69 -4.71 -32.60
N PHE A 187 -8.54 -4.36 -31.32
CA PHE A 187 -7.21 -4.18 -30.74
C PHE A 187 -6.45 -5.50 -30.76
N ARG A 188 -7.14 -6.58 -30.45
CA ARG A 188 -6.51 -7.91 -30.45
C ARG A 188 -5.99 -8.21 -31.86
N GLU A 189 -6.84 -7.95 -32.85
CA GLU A 189 -6.47 -8.18 -34.23
C GLU A 189 -5.21 -7.40 -34.62
N ILE A 190 -5.21 -6.11 -34.32
CA ILE A 190 -4.07 -5.24 -34.62
C ILE A 190 -2.81 -5.71 -33.89
N ALA A 191 -2.96 -6.02 -32.61
CA ALA A 191 -1.86 -6.49 -31.79
C ALA A 191 -1.28 -7.76 -32.41
N ASP A 192 -2.16 -8.67 -32.79
CA ASP A 192 -1.75 -9.92 -33.42
C ASP A 192 -0.98 -9.65 -34.73
N LYS A 193 -1.55 -8.78 -35.57
CA LYS A 193 -0.92 -8.41 -36.83
C LYS A 193 0.56 -8.09 -36.67
N VAL A 194 0.89 -7.32 -35.62
CA VAL A 194 2.26 -6.87 -35.43
C VAL A 194 3.00 -7.63 -34.31
N GLY A 195 2.36 -8.62 -33.70
CA GLY A 195 3.02 -9.43 -32.69
C GLY A 195 3.28 -8.68 -31.39
N ALA A 196 2.42 -7.70 -31.12
CA ALA A 196 2.49 -6.90 -29.89
C ALA A 196 1.61 -7.49 -28.79
N TYR A 197 2.05 -7.26 -27.54
CA TYR A 197 1.17 -7.43 -26.40
C TYR A 197 0.07 -6.36 -26.41
N LEU A 198 -1.10 -6.72 -25.90
CA LEU A 198 -2.20 -5.79 -25.71
C LEU A 198 -2.53 -5.62 -24.23
N PHE A 199 -2.43 -4.39 -23.75
CA PHE A 199 -2.63 -4.03 -22.34
C PHE A 199 -3.77 -3.06 -22.27
N VAL A 200 -4.78 -3.42 -21.47
CA VAL A 200 -5.94 -2.54 -21.23
C VAL A 200 -5.93 -2.09 -19.78
N ASP A 201 -5.90 -0.78 -19.58
CA ASP A 201 -6.17 -0.20 -18.28
C ASP A 201 -7.67 -0.01 -18.21
N MET A 202 -8.32 -0.82 -17.39
CA MET A 202 -9.79 -0.85 -17.32
C MET A 202 -10.32 0.06 -16.22
N ALA A 203 -9.43 0.87 -15.63
CA ALA A 203 -9.78 1.56 -14.38
C ALA A 203 -11.02 2.45 -14.52
N HIS A 204 -11.24 3.03 -15.69
CA HIS A 204 -12.39 3.91 -15.82
C HIS A 204 -13.75 3.13 -15.92
N VAL A 205 -13.73 1.88 -16.41
CA VAL A 205 -14.97 1.13 -16.60
C VAL A 205 -15.05 -0.19 -15.80
N ALA A 206 -14.22 -0.34 -14.76
CA ALA A 206 -14.10 -1.63 -14.07
C ALA A 206 -15.44 -2.06 -13.49
N GLY A 207 -16.14 -1.14 -12.82
CA GLY A 207 -17.42 -1.45 -12.21
C GLY A 207 -18.47 -1.84 -13.24
N LEU A 208 -18.47 -1.13 -14.38
CA LEU A 208 -19.42 -1.42 -15.46
C LEU A 208 -19.15 -2.79 -16.05
N VAL A 209 -17.88 -3.13 -16.19
CA VAL A 209 -17.46 -4.44 -16.71
C VAL A 209 -17.88 -5.53 -15.73
N ALA A 210 -17.61 -5.35 -14.44
CA ALA A 210 -18.01 -6.34 -13.43
C ALA A 210 -19.51 -6.57 -13.45
N ALA A 211 -20.26 -5.49 -13.71
CA ALA A 211 -21.71 -5.55 -13.71
C ALA A 211 -22.32 -6.05 -15.05
N GLY A 212 -21.49 -6.31 -16.04
CA GLY A 212 -21.98 -6.77 -17.33
C GLY A 212 -22.62 -5.67 -18.19
N LEU A 213 -22.20 -4.43 -17.92
CA LEU A 213 -22.74 -3.23 -18.56
C LEU A 213 -21.79 -2.62 -19.60
N TYR A 214 -20.62 -3.23 -19.76
CA TYR A 214 -19.61 -2.75 -20.71
C TYR A 214 -18.83 -3.96 -21.18
N PRO A 215 -18.41 -4.00 -22.47
CA PRO A 215 -17.67 -5.18 -22.92
C PRO A 215 -16.40 -5.41 -22.13
N ASN A 216 -16.19 -6.65 -21.75
CA ASN A 216 -15.05 -7.04 -20.93
C ASN A 216 -13.80 -7.24 -21.79
N PRO A 217 -12.71 -6.51 -21.48
CA PRO A 217 -11.46 -6.66 -22.27
C PRO A 217 -10.66 -7.93 -21.99
N VAL A 218 -10.97 -8.60 -20.88
CA VAL A 218 -10.12 -9.69 -20.39
C VAL A 218 -9.91 -10.82 -21.41
N PRO A 219 -10.95 -11.19 -22.18
CA PRO A 219 -10.73 -12.22 -23.20
C PRO A 219 -9.85 -11.76 -24.37
N PHE A 220 -9.63 -10.46 -24.48
CA PHE A 220 -8.93 -9.92 -25.63
C PHE A 220 -7.54 -9.45 -25.29
N ALA A 221 -7.41 -8.72 -24.20
CA ALA A 221 -6.09 -8.22 -23.83
C ALA A 221 -5.21 -9.39 -23.37
N ASP A 222 -3.91 -9.17 -23.41
CA ASP A 222 -2.98 -10.06 -22.75
C ASP A 222 -2.98 -9.78 -21.25
N VAL A 223 -3.19 -8.52 -20.89
CA VAL A 223 -3.26 -8.17 -19.48
C VAL A 223 -4.16 -6.97 -19.28
N VAL A 224 -4.90 -6.98 -18.16
CA VAL A 224 -5.80 -5.92 -17.78
C VAL A 224 -5.47 -5.44 -16.37
N THR A 225 -5.47 -4.14 -16.14
CA THR A 225 -5.34 -3.62 -14.78
C THR A 225 -6.55 -2.78 -14.37
N THR A 226 -6.68 -2.62 -13.06
CA THR A 226 -7.64 -1.69 -12.50
C THR A 226 -7.29 -1.38 -11.06
N THR A 227 -7.78 -0.23 -10.57
CA THR A 227 -7.89 0.06 -9.16
C THR A 227 -9.04 -0.77 -8.54
N THR A 228 -9.11 -0.82 -7.21
CA THR A 228 -10.21 -1.52 -6.56
C THR A 228 -11.15 -0.58 -5.79
N HIS A 229 -10.87 0.71 -5.81
CA HIS A 229 -11.56 1.64 -4.92
C HIS A 229 -12.43 2.67 -5.61
N LYS A 230 -12.37 2.72 -6.93
CA LYS A 230 -13.15 3.72 -7.69
C LYS A 230 -14.54 3.15 -8.01
N THR A 231 -14.85 2.81 -9.25
CA THR A 231 -16.21 2.34 -9.50
C THR A 231 -16.47 0.95 -8.90
N LEU A 232 -15.42 0.22 -8.52
CA LEU A 232 -15.63 -1.06 -7.85
C LEU A 232 -16.07 -0.88 -6.39
N GLY A 233 -15.80 0.28 -5.81
CA GLY A 233 -16.30 0.59 -4.49
C GLY A 233 -15.64 -0.16 -3.34
N GLY A 234 -14.47 -0.73 -3.61
CA GLY A 234 -13.77 -1.54 -2.63
C GLY A 234 -12.63 -0.82 -1.91
N PRO A 235 -11.67 -1.60 -1.39
CA PRO A 235 -10.51 -1.04 -0.71
C PRO A 235 -9.62 -0.31 -1.71
N ARG A 236 -8.77 0.57 -1.20
CA ARG A 236 -7.79 1.27 -2.01
C ARG A 236 -6.66 0.31 -2.33
N GLY A 237 -6.46 0.03 -3.62
CA GLY A 237 -5.47 -0.92 -4.05
C GLY A 237 -5.55 -1.18 -5.54
N GLY A 238 -4.74 -2.11 -6.01
CA GLY A 238 -4.66 -2.42 -7.43
C GLY A 238 -4.98 -3.88 -7.71
N LEU A 239 -5.14 -4.18 -8.99
CA LEU A 239 -5.50 -5.51 -9.44
C LEU A 239 -4.99 -5.73 -10.85
N ILE A 240 -4.46 -6.93 -11.07
CA ILE A 240 -4.01 -7.35 -12.39
C ILE A 240 -4.79 -8.60 -12.78
N LEU A 241 -5.32 -8.62 -14.01
CA LEU A 241 -6.09 -9.74 -14.55
C LEU A 241 -5.50 -10.19 -15.89
N ALA A 242 -5.61 -11.48 -16.18
CA ALA A 242 -5.13 -11.97 -17.48
C ALA A 242 -5.87 -13.21 -17.94
N LYS A 243 -6.03 -13.31 -19.26
CA LYS A 243 -6.48 -14.55 -19.88
C LYS A 243 -5.31 -15.55 -19.85
N ALA A 244 -5.63 -16.84 -19.93
CA ALA A 244 -4.60 -17.88 -19.77
C ALA A 244 -3.44 -17.72 -20.75
N ASN A 245 -2.24 -17.67 -20.17
CA ASN A 245 -1.00 -17.53 -20.91
C ASN A 245 0.11 -17.69 -19.89
N GLU A 246 0.64 -18.92 -19.78
CA GLU A 246 1.49 -19.25 -18.67
C GLU A 246 2.75 -18.38 -18.65
N ALA A 247 3.29 -18.07 -19.82
CA ALA A 247 4.51 -17.28 -19.88
C ALA A 247 4.27 -15.87 -19.30
N ILE A 248 3.14 -15.27 -19.68
CA ILE A 248 2.81 -13.92 -19.26
C ILE A 248 2.51 -13.90 -17.76
N GLU A 249 1.76 -14.91 -17.30
CA GLU A 249 1.43 -15.04 -15.88
C GLU A 249 2.68 -15.10 -15.00
N LYS A 250 3.68 -15.85 -15.43
CA LYS A 250 4.98 -15.91 -14.74
C LYS A 250 5.69 -14.55 -14.70
N LYS A 251 5.68 -13.84 -15.82
CA LYS A 251 6.29 -12.51 -15.88
C LYS A 251 5.58 -11.52 -14.94
N LEU A 252 4.26 -11.53 -14.96
CA LEU A 252 3.46 -10.68 -14.07
C LEU A 252 3.72 -11.02 -12.61
N ASN A 253 3.82 -12.30 -12.28
CA ASN A 253 4.10 -12.69 -10.89
C ASN A 253 5.38 -12.05 -10.39
N SER A 254 6.43 -12.14 -11.21
N SER A 254 6.44 -12.10 -11.20
CA SER A 254 7.75 -11.66 -10.84
CA SER A 254 7.74 -11.65 -10.75
C SER A 254 7.81 -10.14 -10.85
C SER A 254 7.87 -10.13 -10.89
N ALA A 255 7.09 -9.54 -11.78
CA ALA A 255 7.07 -8.08 -11.91
C ALA A 255 6.46 -7.43 -10.65
N VAL A 256 5.41 -8.03 -10.12
CA VAL A 256 4.78 -7.48 -8.93
C VAL A 256 5.71 -7.72 -7.76
N PHE A 257 6.18 -8.95 -7.63
CA PHE A 257 7.12 -9.30 -6.58
C PHE A 257 8.20 -10.25 -7.11
N PRO A 258 9.47 -9.85 -7.02
CA PRO A 258 10.08 -8.70 -6.33
C PRO A 258 10.23 -7.43 -7.18
N GLY A 259 9.67 -7.41 -8.39
CA GLY A 259 9.92 -6.31 -9.30
C GLY A 259 9.55 -4.95 -8.73
N GLN A 260 8.29 -4.80 -8.31
CA GLN A 260 7.73 -3.53 -7.87
C GLN A 260 7.53 -3.42 -6.35
N GLN A 261 7.32 -4.56 -5.68
CA GLN A 261 6.92 -4.58 -4.27
C GLN A 261 7.68 -5.62 -3.50
N GLY A 262 7.55 -5.54 -2.18
CA GLY A 262 7.96 -6.59 -1.28
C GLY A 262 6.72 -7.31 -0.76
N GLY A 263 6.46 -7.18 0.53
CA GLY A 263 5.31 -7.85 1.11
C GLY A 263 4.00 -7.20 0.72
N PRO A 264 2.97 -8.02 0.46
CA PRO A 264 1.65 -7.41 0.23
C PRO A 264 0.98 -6.94 1.52
N LEU A 265 -0.06 -6.12 1.38
CA LEU A 265 -0.83 -5.64 2.51
C LEU A 265 -1.96 -6.64 2.74
N MET A 266 -1.76 -7.60 3.65
CA MET A 266 -2.65 -8.77 3.70
C MET A 266 -4.02 -8.37 4.20
N HIS A 267 -4.08 -7.38 5.08
CA HIS A 267 -5.35 -6.81 5.56
C HIS A 267 -6.14 -6.21 4.40
N VAL A 268 -5.45 -5.60 3.44
CA VAL A 268 -6.15 -5.00 2.30
C VAL A 268 -6.54 -6.06 1.29
N ILE A 269 -5.74 -7.11 1.19
CA ILE A 269 -6.08 -8.22 0.32
C ILE A 269 -7.37 -8.92 0.85
N ALA A 270 -7.47 -9.12 2.15
CA ALA A 270 -8.71 -9.63 2.74
C ALA A 270 -9.89 -8.72 2.38
N ALA A 271 -9.63 -7.42 2.35
CA ALA A 271 -10.69 -6.46 2.03
C ALA A 271 -11.09 -6.56 0.57
N LYS A 272 -10.13 -6.86 -0.29
CA LYS A 272 -10.40 -7.11 -1.70
C LYS A 272 -11.28 -8.34 -1.83
N ALA A 273 -11.01 -9.37 -1.04
CA ALA A 273 -11.80 -10.59 -1.12
C ALA A 273 -13.27 -10.33 -0.82
N VAL A 274 -13.58 -9.60 0.27
CA VAL A 274 -14.97 -9.37 0.60
C VAL A 274 -15.59 -8.36 -0.36
N ALA A 275 -14.82 -7.39 -0.84
CA ALA A 275 -15.31 -6.46 -1.87
C ALA A 275 -15.71 -7.17 -3.16
N PHE A 276 -14.91 -8.13 -3.61
CA PHE A 276 -15.23 -8.81 -4.84
C PHE A 276 -16.48 -9.67 -4.71
N LYS A 277 -16.72 -10.20 -3.51
CA LYS A 277 -17.96 -10.91 -3.22
C LYS A 277 -19.16 -9.95 -3.29
N GLU A 278 -19.05 -8.78 -2.66
CA GLU A 278 -20.10 -7.76 -2.77
C GLU A 278 -20.33 -7.35 -4.22
N CYS A 279 -19.28 -7.29 -5.03
CA CYS A 279 -19.43 -6.83 -6.43
C CYS A 279 -20.18 -7.83 -7.30
N ALA A 280 -20.33 -9.06 -6.79
CA ALA A 280 -21.00 -10.12 -7.53
C ALA A 280 -22.50 -10.18 -7.24
N GLU A 281 -22.97 -9.43 -6.24
CA GLU A 281 -24.39 -9.37 -5.90
C GLU A 281 -25.15 -8.68 -7.03
N PRO A 282 -26.41 -9.07 -7.27
CA PRO A 282 -27.25 -8.42 -8.28
C PRO A 282 -27.44 -6.92 -8.02
N GLU A 283 -27.46 -6.57 -6.74
CA GLU A 283 -27.49 -5.18 -6.30
C GLU A 283 -26.40 -4.33 -6.97
N PHE A 284 -25.25 -4.93 -7.23
CA PHE A 284 -24.13 -4.18 -7.76
C PHE A 284 -24.39 -3.64 -9.16
N ALA A 285 -25.00 -4.45 -10.01
CA ALA A 285 -25.36 -4.00 -11.36
C ALA A 285 -26.42 -2.92 -11.31
N VAL A 286 -27.36 -3.04 -10.37
CA VAL A 286 -28.37 -2.00 -10.21
C VAL A 286 -27.68 -0.68 -9.78
N TYR A 287 -26.71 -0.79 -8.88
CA TYR A 287 -25.95 0.38 -8.41
C TYR A 287 -25.21 1.01 -9.60
N GLN A 288 -24.57 0.19 -10.45
CA GLN A 288 -23.77 0.72 -11.54
C GLN A 288 -24.62 1.49 -12.55
N GLN A 289 -25.87 1.07 -12.73
CA GLN A 289 -26.74 1.77 -13.67
C GLN A 289 -27.23 3.05 -13.02
N GLN A 290 -27.43 3.03 -11.70
CA GLN A 290 -27.81 4.23 -10.96
C GLN A 290 -26.74 5.32 -11.06
N VAL A 291 -25.49 4.91 -11.09
CA VAL A 291 -24.40 5.85 -11.30
C VAL A 291 -24.60 6.57 -12.63
N LEU A 292 -24.93 5.79 -13.66
CA LEU A 292 -25.05 6.32 -15.01
C LEU A 292 -26.31 7.15 -15.11
N ASP A 293 -27.39 6.70 -14.48
CA ASP A 293 -28.65 7.46 -14.49
C ASP A 293 -28.47 8.82 -13.82
N ASN A 294 -27.74 8.85 -12.72
CA ASN A 294 -27.49 10.09 -12.00
C ASN A 294 -26.67 11.08 -12.83
N ALA A 295 -25.66 10.57 -13.54
CA ALA A 295 -24.86 11.42 -14.41
C ALA A 295 -25.74 12.00 -15.52
N LYS A 296 -26.55 11.16 -16.17
CA LYS A 296 -27.38 11.61 -17.26
C LYS A 296 -28.32 12.71 -16.78
N ALA A 297 -28.87 12.53 -15.58
CA ALA A 297 -29.81 13.52 -15.01
C ALA A 297 -29.13 14.86 -14.73
N MET A 298 -27.92 14.84 -14.19
CA MET A 298 -27.21 16.09 -13.93
C MET A 298 -26.87 16.80 -15.24
N VAL A 299 -26.37 16.04 -16.22
CA VAL A 299 -26.05 16.59 -17.53
C VAL A 299 -27.26 17.29 -18.15
N LYS A 300 -28.43 16.65 -18.14
CA LYS A 300 -29.62 17.30 -18.71
C LYS A 300 -29.93 18.61 -18.03
N SER A 301 -29.77 18.64 -16.71
CA SER A 301 -29.98 19.86 -15.93
C SER A 301 -29.03 20.99 -16.35
N PHE A 302 -27.74 20.69 -16.44
CA PHE A 302 -26.76 21.71 -16.83
C PHE A 302 -27.06 22.26 -18.20
N LEU A 303 -27.33 21.37 -19.16
CA LEU A 303 -27.65 21.79 -20.53
C LEU A 303 -28.90 22.65 -20.59
N ALA A 304 -29.90 22.29 -19.80
CA ALA A 304 -31.15 23.04 -19.77
C ALA A 304 -30.91 24.43 -19.22
N ARG A 305 -29.88 24.58 -18.41
CA ARG A 305 -29.56 25.87 -17.80
C ARG A 305 -28.47 26.65 -18.54
N GLY A 306 -27.99 26.13 -19.67
CA GLY A 306 -27.08 26.87 -20.51
C GLY A 306 -25.60 26.63 -20.26
N TYR A 307 -25.31 25.61 -19.45
CA TYR A 307 -23.94 25.24 -19.15
C TYR A 307 -23.52 24.12 -20.08
N LYS A 308 -22.39 24.36 -20.75
CA LYS A 308 -21.85 23.43 -21.71
C LYS A 308 -21.26 22.21 -21.01
N ILE A 309 -21.56 21.04 -21.56
CA ILE A 309 -21.07 19.78 -21.01
C ILE A 309 -20.19 19.13 -22.03
N VAL A 310 -19.02 18.71 -21.58
CA VAL A 310 -18.13 17.84 -22.34
C VAL A 310 -18.20 16.40 -21.78
N SER A 311 -18.46 15.45 -22.67
CA SER A 311 -18.63 14.04 -22.30
C SER A 311 -17.97 13.14 -23.33
N ASN A 316 -18.29 7.81 -18.80
CA ASN A 316 -19.73 7.58 -18.63
C ASN A 316 -20.21 8.14 -17.29
N HIS A 317 -19.46 7.84 -16.25
CA HIS A 317 -19.81 8.29 -14.91
C HIS A 317 -19.14 9.62 -14.62
N LEU A 318 -18.33 10.11 -15.55
CA LEU A 318 -17.64 11.39 -15.41
C LEU A 318 -18.08 12.36 -16.51
N PHE A 319 -18.22 13.65 -16.20
CA PHE A 319 -18.40 14.64 -17.26
C PHE A 319 -17.76 15.96 -16.84
N LEU A 320 -17.57 16.85 -17.81
CA LEU A 320 -17.02 18.18 -17.52
C LEU A 320 -18.08 19.25 -17.75
N VAL A 321 -18.16 20.17 -16.81
CA VAL A 321 -18.98 21.35 -16.99
C VAL A 321 -18.01 22.44 -17.43
N ASP A 322 -18.16 22.89 -18.66
CA ASP A 322 -17.33 23.93 -19.26
C ASP A 322 -17.89 25.26 -18.84
N LEU A 323 -17.06 26.10 -18.24
CA LEU A 323 -17.53 27.38 -17.70
C LEU A 323 -17.07 28.60 -18.49
N ILE A 324 -16.46 28.38 -19.66
CA ILE A 324 -15.89 29.50 -20.39
C ILE A 324 -16.94 30.53 -20.83
N ALA A 325 -18.10 30.07 -21.30
CA ALA A 325 -19.14 31.01 -21.75
C ALA A 325 -19.54 31.99 -20.67
N GLN A 326 -19.59 31.57 -19.40
CA GLN A 326 -20.04 32.42 -18.29
C GLN A 326 -18.91 33.18 -17.62
N ASP A 327 -17.67 32.92 -18.06
CA ASP A 327 -16.45 33.43 -17.46
C ASP A 327 -16.39 33.18 -15.96
N ILE A 328 -16.52 31.91 -15.60
CA ILE A 328 -16.32 31.45 -14.25
C ILE A 328 -15.11 30.53 -14.26
N THR A 329 -14.16 30.81 -13.38
CA THR A 329 -13.00 29.96 -13.25
C THR A 329 -13.33 28.70 -12.42
N GLY A 330 -12.56 27.65 -12.63
CA GLY A 330 -12.64 26.47 -11.79
C GLY A 330 -12.50 26.82 -10.32
N LYS A 331 -11.53 27.68 -10.00
CA LYS A 331 -11.27 28.06 -8.61
C LYS A 331 -12.48 28.69 -7.93
N GLU A 332 -13.07 29.71 -8.54
CA GLU A 332 -14.19 30.38 -7.87
C GLU A 332 -15.45 29.49 -7.81
N ALA A 333 -15.66 28.65 -8.82
CA ALA A 333 -16.77 27.70 -8.80
C ALA A 333 -16.57 26.68 -7.68
N ASP A 334 -15.39 26.05 -7.68
CA ASP A 334 -15.01 25.09 -6.66
C ASP A 334 -15.17 25.68 -5.25
N ALA A 335 -14.74 26.92 -5.08
CA ALA A 335 -14.78 27.60 -3.79
C ALA A 335 -16.23 27.86 -3.35
N ALA A 336 -17.04 28.40 -4.25
CA ALA A 336 -18.44 28.70 -3.95
C ALA A 336 -19.21 27.41 -3.64
N LEU A 337 -19.02 26.41 -4.48
CA LEU A 337 -19.72 25.14 -4.31
C LEU A 337 -19.30 24.45 -3.02
N GLY A 338 -18.01 24.54 -2.71
CA GLY A 338 -17.49 23.96 -1.51
C GLY A 338 -18.14 24.60 -0.31
N ASN A 339 -18.43 25.89 -0.40
CA ASN A 339 -19.10 26.59 0.69
C ASN A 339 -20.57 26.14 0.81
N ALA A 340 -21.12 25.59 -0.26
CA ALA A 340 -22.45 25.01 -0.25
C ALA A 340 -22.42 23.50 0.06
N HIS A 341 -21.25 23.03 0.52
CA HIS A 341 -21.01 21.63 0.90
C HIS A 341 -21.10 20.65 -0.25
N ILE A 342 -20.69 21.12 -1.43
CA ILE A 342 -20.54 20.29 -2.61
C ILE A 342 -19.06 20.26 -2.98
N THR A 343 -18.50 19.05 -2.88
CA THR A 343 -17.08 18.83 -3.12
C THR A 343 -16.87 18.35 -4.55
N VAL A 344 -16.24 19.21 -5.35
CA VAL A 344 -15.95 18.94 -6.75
C VAL A 344 -14.47 19.12 -7.03
N ASN A 345 -14.01 18.60 -8.16
CA ASN A 345 -12.67 18.92 -8.66
C ASN A 345 -12.82 19.86 -9.83
N LYS A 346 -11.87 20.77 -9.96
CA LYS A 346 -11.79 21.60 -11.15
C LYS A 346 -10.91 20.87 -12.15
N ASN A 347 -11.07 21.19 -13.42
CA ASN A 347 -10.29 20.55 -14.47
C ASN A 347 -9.03 21.36 -14.78
N VAL A 358 -6.85 22.90 -22.46
CA VAL A 358 -7.69 22.10 -21.57
C VAL A 358 -9.02 22.77 -21.27
N THR A 359 -10.07 21.98 -21.05
CA THR A 359 -11.37 22.51 -20.65
C THR A 359 -11.28 23.24 -19.31
N SER A 360 -11.87 24.43 -19.26
CA SER A 360 -11.90 25.25 -18.04
C SER A 360 -13.23 25.04 -17.32
N GLY A 361 -13.21 24.43 -16.13
CA GLY A 361 -14.45 24.21 -15.41
C GLY A 361 -14.38 23.06 -14.43
N LEU A 362 -15.51 22.37 -14.29
CA LEU A 362 -15.63 21.36 -13.26
C LEU A 362 -15.56 19.96 -13.83
N ARG A 363 -14.93 19.06 -13.08
CA ARG A 363 -15.01 17.63 -13.36
C ARG A 363 -15.98 17.01 -12.34
N ILE A 364 -17.01 16.34 -12.83
CA ILE A 364 -18.03 15.76 -11.99
C ILE A 364 -18.18 14.29 -12.26
N GLY A 365 -18.18 13.49 -11.20
CA GLY A 365 -18.55 12.09 -11.31
C GLY A 365 -19.55 11.67 -10.23
N THR A 366 -20.37 10.68 -10.59
CA THR A 366 -21.49 10.24 -9.76
C THR A 366 -21.37 8.86 -9.03
N PRO A 367 -20.21 8.18 -9.08
CA PRO A 367 -20.19 6.90 -8.31
C PRO A 367 -20.51 7.00 -6.80
N ALA A 368 -19.92 7.96 -6.08
CA ALA A 368 -20.23 8.13 -4.67
C ALA A 368 -21.68 8.60 -4.50
N LEU A 369 -22.09 9.51 -5.36
CA LEU A 369 -23.44 10.06 -5.28
C LEU A 369 -24.49 8.92 -5.30
N ALA A 370 -24.35 8.02 -6.28
CA ALA A 370 -25.24 6.90 -6.37
C ALA A 370 -25.05 5.93 -5.22
N ARG A 371 -23.82 5.78 -4.76
N ARG A 371 -23.83 5.78 -4.74
CA ARG A 371 -23.52 4.77 -3.74
CA ARG A 371 -23.55 4.75 -3.73
C ARG A 371 -24.24 5.07 -2.43
C ARG A 371 -24.28 5.06 -2.43
N ARG A 372 -24.40 6.34 -2.08
CA ARG A 372 -25.12 6.73 -0.86
C ARG A 372 -26.63 6.89 -1.09
N GLY A 373 -27.14 6.45 -2.24
CA GLY A 373 -28.57 6.32 -2.45
C GLY A 373 -29.31 7.51 -3.05
N VAL A 374 -28.60 8.56 -3.44
CA VAL A 374 -29.20 9.66 -4.17
C VAL A 374 -29.74 9.09 -5.48
N ASN A 375 -31.00 9.42 -5.80
CA ASN A 375 -31.59 8.93 -7.05
C ASN A 375 -31.48 9.94 -8.22
N ALA A 376 -32.04 9.59 -9.38
CA ALA A 376 -31.82 10.40 -10.58
C ALA A 376 -32.54 11.73 -10.48
N GLN A 377 -33.73 11.73 -9.91
CA GLN A 377 -34.51 12.96 -9.75
C GLN A 377 -33.79 13.91 -8.81
N GLN A 378 -33.21 13.36 -7.75
CA GLN A 378 -32.44 14.14 -6.82
C GLN A 378 -31.17 14.66 -7.48
N SER A 379 -30.59 13.85 -8.36
CA SER A 379 -29.37 14.25 -9.05
C SER A 379 -29.67 15.43 -10.00
N ALA A 380 -30.81 15.37 -10.67
CA ALA A 380 -31.27 16.47 -11.51
C ALA A 380 -31.40 17.76 -10.72
N GLU A 381 -31.97 17.68 -9.51
CA GLU A 381 -32.17 18.89 -8.72
C GLU A 381 -30.86 19.45 -8.21
N LEU A 382 -29.97 18.56 -7.78
CA LEU A 382 -28.63 18.93 -7.33
C LEU A 382 -27.89 19.76 -8.38
N ALA A 383 -27.93 19.28 -9.62
CA ALA A 383 -27.30 19.97 -10.74
C ALA A 383 -27.93 21.37 -10.92
N LEU A 384 -29.24 21.48 -10.73
CA LEU A 384 -29.91 22.77 -10.83
C LEU A 384 -29.50 23.70 -9.71
N TRP A 385 -29.31 23.17 -8.51
CA TRP A 385 -28.81 23.99 -7.41
C TRP A 385 -27.40 24.51 -7.73
N MET A 386 -26.60 23.67 -8.35
CA MET A 386 -25.24 24.05 -8.69
C MET A 386 -25.29 25.17 -9.73
N CYS A 387 -26.19 25.04 -10.68
CA CYS A 387 -26.43 26.10 -11.67
C CYS A 387 -26.90 27.41 -11.04
N ASP A 388 -27.66 27.35 -9.95
CA ASP A 388 -28.05 28.55 -9.22
C ASP A 388 -26.83 29.26 -8.68
N VAL A 389 -25.88 28.50 -8.15
CA VAL A 389 -24.66 29.09 -7.60
C VAL A 389 -23.82 29.68 -8.75
N LEU A 390 -23.68 28.92 -9.83
CA LEU A 390 -22.88 29.37 -10.96
C LEU A 390 -23.47 30.65 -11.55
N ASP A 391 -24.79 30.69 -11.72
CA ASP A 391 -25.47 31.90 -12.22
C ASP A 391 -25.28 33.09 -11.28
N ALA A 392 -25.28 32.82 -9.99
CA ALA A 392 -25.11 33.89 -9.02
C ALA A 392 -23.70 34.47 -9.13
N ILE A 393 -22.70 33.62 -9.39
CA ILE A 393 -21.34 34.10 -9.61
C ILE A 393 -21.29 34.97 -10.86
N LYS A 394 -21.76 34.42 -11.98
CA LYS A 394 -21.65 35.11 -13.27
C LYS A 394 -22.44 36.43 -13.26
N ASP A 395 -23.58 36.43 -12.57
CA ASP A 395 -24.42 37.63 -12.49
C ASP A 395 -23.97 38.57 -11.38
N GLU A 396 -23.04 38.11 -10.55
CA GLU A 396 -22.57 38.81 -9.34
C GLU A 396 -23.75 39.29 -8.50
N ALA A 397 -24.74 38.41 -8.33
CA ALA A 397 -25.99 38.77 -7.67
C ALA A 397 -26.44 37.72 -6.65
N LYS A 398 -26.62 38.16 -5.41
CA LYS A 398 -27.12 37.28 -4.34
C LYS A 398 -26.25 36.01 -4.16
N LEU A 399 -24.95 36.12 -4.40
CA LEU A 399 -24.09 34.95 -4.36
C LEU A 399 -24.03 34.32 -2.96
N ALA A 400 -23.83 35.15 -1.94
CA ALA A 400 -23.75 34.66 -0.57
C ALA A 400 -25.05 34.00 -0.15
N THR A 401 -26.17 34.65 -0.43
CA THR A 401 -27.48 34.09 -0.08
C THR A 401 -27.75 32.79 -0.85
N THR A 402 -27.37 32.77 -2.13
CA THR A 402 -27.57 31.59 -2.95
C THR A 402 -26.70 30.43 -2.46
N ILE A 403 -25.48 30.73 -2.02
CA ILE A 403 -24.61 29.68 -1.47
C ILE A 403 -25.28 29.09 -0.22
N THR A 404 -25.84 29.94 0.64
CA THR A 404 -26.48 29.47 1.85
C THR A 404 -27.70 28.62 1.53
N ALA A 405 -28.47 29.06 0.53
CA ALA A 405 -29.65 28.32 0.11
C ALA A 405 -29.29 26.93 -0.37
N VAL A 406 -28.27 26.82 -1.21
CA VAL A 406 -27.89 25.51 -1.74
C VAL A 406 -27.30 24.67 -0.59
N LYS A 407 -26.55 25.30 0.32
CA LYS A 407 -26.01 24.59 1.46
C LYS A 407 -27.10 23.86 2.28
N VAL A 408 -28.21 24.53 2.55
CA VAL A 408 -29.25 23.92 3.38
C VAL A 408 -29.99 22.85 2.54
N LYS A 409 -30.13 23.07 1.24
CA LYS A 409 -30.68 22.02 0.42
C LYS A 409 -29.77 20.80 0.37
N VAL A 410 -28.46 21.05 0.24
CA VAL A 410 -27.49 19.95 0.25
C VAL A 410 -27.51 19.21 1.60
N ALA A 411 -27.62 19.94 2.70
CA ALA A 411 -27.67 19.31 4.00
C ALA A 411 -28.88 18.39 4.11
N ALA A 412 -30.01 18.80 3.58
CA ALA A 412 -31.20 17.97 3.66
C ALA A 412 -31.04 16.70 2.82
N LEU A 413 -30.38 16.84 1.68
CA LEU A 413 -30.16 15.72 0.80
C LEU A 413 -29.22 14.72 1.48
N CYS A 414 -28.16 15.24 2.10
CA CYS A 414 -27.23 14.39 2.86
C CYS A 414 -27.89 13.65 4.03
N LYS A 415 -28.78 14.33 4.74
N LYS A 415 -28.78 14.34 4.74
CA LYS A 415 -29.52 13.70 5.83
CA LYS A 415 -29.51 13.71 5.82
C LYS A 415 -30.50 12.64 5.34
C LYS A 415 -30.48 12.63 5.32
N ALA A 416 -31.09 12.88 4.17
CA ALA A 416 -32.03 11.91 3.60
C ALA A 416 -31.30 10.71 3.02
N CYS A 417 -30.03 10.92 2.66
CA CYS A 417 -29.22 9.88 2.04
C CYS A 417 -27.90 9.72 2.77
N PRO A 418 -27.97 9.24 4.02
CA PRO A 418 -26.76 9.02 4.80
C PRO A 418 -25.88 7.95 4.19
N VAL A 419 -24.57 8.09 4.38
CA VAL A 419 -23.63 7.14 3.83
C VAL A 419 -23.57 5.91 4.72
N TYR A 420 -23.36 6.16 6.02
CA TYR A 420 -23.32 5.09 7.03
C TYR A 420 -24.29 5.41 8.16
N GLY A 421 -24.84 4.39 8.80
CA GLY A 421 -25.64 4.61 10.00
C GLY A 421 -26.20 3.29 10.49
N LEU A 422 -27.20 3.35 11.36
CA LEU A 422 -27.81 2.16 11.95
C LEU A 422 -29.27 1.98 11.51
N MET B 1 -27.85 3.63 2.18
CA MET B 1 -27.02 3.72 3.43
C MET B 1 -26.38 2.38 3.75
N PHE B 2 -25.10 2.39 4.15
CA PHE B 2 -24.47 1.19 4.70
C PHE B 2 -24.83 1.08 6.16
N ASN B 3 -25.51 0.00 6.54
CA ASN B 3 -25.71 -0.35 7.93
C ASN B 3 -24.35 -0.60 8.63
N ARG B 4 -24.05 0.11 9.70
CA ARG B 4 -22.72 -0.01 10.31
C ARG B 4 -22.46 -1.41 10.92
N ASP B 5 -23.53 -2.18 11.14
CA ASP B 5 -23.42 -3.54 11.62
C ASP B 5 -23.08 -4.58 10.54
N MET B 6 -23.01 -4.19 9.27
CA MET B 6 -22.49 -5.09 8.23
C MET B 6 -21.12 -5.60 8.67
N ASN B 7 -20.89 -6.92 8.55
CA ASN B 7 -19.67 -7.51 9.05
C ASN B 7 -19.28 -8.74 8.22
N ILE B 8 -18.01 -9.14 8.32
CA ILE B 8 -17.52 -10.28 7.54
C ILE B 8 -18.05 -11.62 8.07
N ALA B 9 -18.19 -11.75 9.40
CA ALA B 9 -18.62 -13.01 10.01
C ALA B 9 -19.97 -13.49 9.42
N ASP B 10 -20.96 -12.59 9.36
CA ASP B 10 -22.30 -12.95 8.87
C ASP B 10 -22.30 -13.15 7.35
N TYR B 11 -21.52 -12.35 6.64
CA TYR B 11 -21.61 -12.28 5.18
C TYR B 11 -20.68 -13.26 4.45
N ASP B 12 -19.47 -13.43 4.99
CA ASP B 12 -18.36 -14.08 4.32
C ASP B 12 -17.62 -14.94 5.36
N PRO B 13 -18.28 -16.00 5.85
CA PRO B 13 -17.72 -16.79 6.95
C PRO B 13 -16.43 -17.48 6.58
N GLU B 14 -16.23 -17.88 5.33
CA GLU B 14 -14.95 -18.48 5.01
C GLU B 14 -13.82 -17.48 5.20
N LEU B 15 -14.05 -16.23 4.80
CA LEU B 15 -13.04 -15.21 4.96
C LEU B 15 -12.86 -14.92 6.44
N TRP B 16 -13.97 -14.87 7.17
CA TRP B 16 -13.90 -14.57 8.59
C TRP B 16 -13.11 -15.63 9.33
N GLN B 17 -13.32 -16.89 8.95
CA GLN B 17 -12.63 -17.99 9.59
C GLN B 17 -11.12 -17.87 9.41
N SER B 18 -10.70 -17.44 8.23
CA SER B 18 -9.28 -17.27 7.96
C SER B 18 -8.71 -16.14 8.81
N ILE B 19 -9.53 -15.13 9.07
CA ILE B 19 -9.10 -14.00 9.87
C ILE B 19 -8.98 -14.43 11.34
N THR B 20 -10.01 -15.09 11.88
CA THR B 20 -9.97 -15.53 13.27
C THR B 20 -8.89 -16.60 13.47
N ASP B 21 -8.68 -17.44 12.46
CA ASP B 21 -7.60 -18.39 12.52
C ASP B 21 -6.25 -17.69 12.62
N GLU B 22 -6.06 -16.62 11.83
CA GLU B 22 -4.80 -15.88 11.84
C GLU B 22 -4.57 -15.16 13.16
N VAL B 23 -5.64 -14.60 13.71
CA VAL B 23 -5.60 -14.01 15.04
C VAL B 23 -5.14 -15.06 16.08
N GLN B 24 -5.68 -16.27 15.98
CA GLN B 24 -5.34 -17.28 16.95
C GLN B 24 -3.88 -17.70 16.73
N ARG B 25 -3.47 -17.79 15.47
CA ARG B 25 -2.09 -18.16 15.13
C ARG B 25 -1.10 -17.16 15.73
N GLN B 26 -1.40 -15.88 15.64
CA GLN B 26 -0.52 -14.87 16.19
C GLN B 26 -0.39 -15.04 17.72
N GLU B 27 -1.44 -15.51 18.38
CA GLU B 27 -1.32 -15.85 19.80
C GLU B 27 -0.46 -17.10 20.05
N ASP B 28 -0.75 -18.21 19.37
CA ASP B 28 -0.22 -19.49 19.83
C ASP B 28 1.02 -19.97 19.05
N HIS B 29 1.61 -19.07 18.27
CA HIS B 29 2.90 -19.36 17.64
C HIS B 29 3.86 -18.29 18.09
N ILE B 30 5.06 -18.70 18.45
CA ILE B 30 6.10 -17.73 18.69
C ILE B 30 6.66 -17.32 17.33
N GLU B 31 6.66 -16.01 17.07
CA GLU B 31 7.11 -15.45 15.80
C GLU B 31 8.54 -14.87 15.89
N LEU B 32 9.48 -15.45 15.14
CA LEU B 32 10.87 -15.01 15.16
C LEU B 32 11.34 -14.46 13.83
N ILE B 33 10.37 -14.11 13.00
CA ILE B 33 10.66 -13.52 11.69
C ILE B 33 11.10 -12.07 11.94
N ALA B 34 12.31 -11.72 11.52
CA ALA B 34 12.94 -10.48 11.98
C ALA B 34 12.19 -9.25 11.50
N SER B 35 11.45 -9.42 10.42
CA SER B 35 10.80 -8.33 9.75
C SER B 35 9.33 -8.18 10.17
N GLU B 36 8.87 -8.96 11.15
CA GLU B 36 7.48 -8.85 11.62
C GLU B 36 7.41 -8.21 12.98
N ASN B 37 6.22 -7.73 13.32
CA ASN B 37 5.99 -7.22 14.65
C ASN B 37 4.50 -7.39 14.97
N TYR B 38 4.07 -6.82 16.08
CA TYR B 38 2.67 -6.74 16.42
C TYR B 38 2.35 -5.28 16.65
N THR B 39 1.42 -4.69 15.89
CA THR B 39 1.20 -3.26 16.00
C THR B 39 0.03 -2.98 16.98
N SER B 40 -0.08 -1.77 17.50
CA SER B 40 -1.08 -1.55 18.53
C SER B 40 -2.48 -1.47 17.97
N PRO B 41 -3.48 -1.68 18.86
CA PRO B 41 -4.86 -1.59 18.39
C PRO B 41 -5.19 -0.21 17.80
N ARG B 42 -4.46 0.84 18.19
CA ARG B 42 -4.76 2.17 17.70
C ARG B 42 -4.39 2.28 16.22
N VAL B 43 -3.29 1.64 15.86
CA VAL B 43 -2.84 1.60 14.47
C VAL B 43 -3.90 0.87 13.63
N MET B 44 -4.40 -0.25 14.13
CA MET B 44 -5.40 -1.01 13.39
C MET B 44 -6.70 -0.22 13.30
N GLU B 45 -7.01 0.50 14.39
CA GLU B 45 -8.20 1.35 14.41
C GLU B 45 -8.14 2.37 13.27
N ALA B 46 -7.02 3.07 13.12
CA ALA B 46 -6.86 4.03 12.04
C ALA B 46 -6.93 3.36 10.67
N GLN B 47 -6.32 2.20 10.52
CA GLN B 47 -6.31 1.50 9.23
C GLN B 47 -7.70 1.00 8.82
N GLY B 48 -8.57 0.82 9.82
CA GLY B 48 -9.92 0.39 9.59
C GLY B 48 -10.92 1.53 9.48
N SER B 49 -10.41 2.76 9.38
CA SER B 49 -11.28 3.94 9.35
C SER B 49 -11.77 4.30 7.95
N GLN B 50 -12.71 5.23 7.94
CA GLN B 50 -13.29 5.80 6.72
C GLN B 50 -12.33 6.66 5.89
N LEU B 51 -11.09 6.88 6.36
CA LEU B 51 -10.14 7.68 5.61
C LEU B 51 -9.75 6.94 4.33
N THR B 52 -10.06 5.67 4.28
CA THR B 52 -9.88 4.91 3.06
C THR B 52 -10.73 5.49 1.91
N ASN B 53 -11.78 6.20 2.27
CA ASN B 53 -12.69 6.76 1.25
C ASN B 53 -12.17 8.03 0.55
N LYS B 54 -11.09 8.63 1.07
CA LYS B 54 -10.64 9.92 0.55
C LYS B 54 -9.50 9.82 -0.47
N TYR B 55 -9.70 10.42 -1.65
CA TYR B 55 -8.61 10.60 -2.63
C TYR B 55 -7.88 11.90 -2.25
N ALA B 56 -6.56 11.86 -2.16
CA ALA B 56 -5.81 13.02 -1.69
C ALA B 56 -4.45 13.15 -2.36
N GLU B 57 -4.40 13.01 -3.67
CA GLU B 57 -3.19 13.24 -4.45
C GLU B 57 -2.65 14.64 -4.16
N GLY B 58 -1.32 14.77 -4.17
CA GLY B 58 -0.69 15.97 -3.65
C GLY B 58 -0.31 15.83 -2.17
N TYR B 59 -0.10 16.96 -1.51
CA TYR B 59 0.44 17.05 -0.16
C TYR B 59 -0.42 18.02 0.62
N PRO B 60 -0.36 17.98 1.96
CA PRO B 60 -1.28 18.84 2.72
C PRO B 60 -1.21 20.29 2.26
N GLY B 61 -2.36 20.89 1.96
CA GLY B 61 -2.42 22.29 1.57
C GLY B 61 -2.16 22.53 0.10
N LYS B 62 -1.80 21.46 -0.60
CA LYS B 62 -1.39 21.50 -2.00
C LYS B 62 -1.91 20.27 -2.70
N ARG B 63 -3.20 19.99 -2.47
CA ARG B 63 -3.83 18.80 -3.02
C ARG B 63 -4.42 19.01 -4.41
N TYR B 64 -4.55 17.92 -5.15
CA TYR B 64 -5.23 17.95 -6.43
C TYR B 64 -6.70 17.62 -6.29
N TYR B 65 -7.15 17.42 -5.06
CA TYR B 65 -8.54 17.03 -4.80
C TYR B 65 -9.13 17.95 -3.77
N GLY B 66 -10.40 18.28 -3.94
CA GLY B 66 -11.11 18.97 -2.88
C GLY B 66 -11.46 18.10 -1.68
N GLY B 67 -11.87 18.74 -0.59
CA GLY B 67 -12.42 18.08 0.56
C GLY B 67 -11.39 17.49 1.51
N CYS B 68 -10.12 17.84 1.31
CA CYS B 68 -9.03 17.22 2.06
C CYS B 68 -8.65 17.92 3.34
N GLU B 69 -9.43 18.89 3.79
CA GLU B 69 -9.07 19.69 4.95
C GLU B 69 -8.78 18.89 6.24
N TYR B 70 -9.48 17.77 6.45
CA TYR B 70 -9.32 17.02 7.68
C TYR B 70 -8.26 15.93 7.48
N VAL B 71 -8.17 15.31 6.31
CA VAL B 71 -7.10 14.34 6.12
C VAL B 71 -5.75 15.07 6.09
N ASP B 72 -5.75 16.37 5.76
CA ASP B 72 -4.52 17.16 5.80
C ASP B 72 -3.97 17.23 7.22
N VAL B 73 -4.87 17.24 8.20
CA VAL B 73 -4.48 17.31 9.60
C VAL B 73 -3.79 16.02 10.02
N ALA B 74 -4.41 14.89 9.69
CA ALA B 74 -3.81 13.58 9.97
C ALA B 74 -2.43 13.46 9.32
N GLU B 75 -2.34 13.83 8.04
CA GLU B 75 -1.05 13.69 7.36
C GLU B 75 0.01 14.64 7.93
N SER B 76 -0.38 15.88 8.22
CA SER B 76 0.53 16.84 8.84
C SER B 76 1.07 16.31 10.18
N LEU B 77 0.18 15.73 10.99
CA LEU B 77 0.59 15.14 12.28
C LEU B 77 1.62 14.05 12.03
N ALA B 78 1.36 13.19 11.06
CA ALA B 78 2.31 12.12 10.77
C ALA B 78 3.65 12.68 10.30
N ILE B 79 3.60 13.68 9.43
CA ILE B 79 4.82 14.33 8.96
C ILE B 79 5.57 14.98 10.14
N GLU B 80 4.87 15.74 10.97
CA GLU B 80 5.53 16.49 12.02
C GLU B 80 6.11 15.53 13.07
N ARG B 81 5.38 14.45 13.37
CA ARG B 81 5.84 13.50 14.36
C ARG B 81 7.00 12.71 13.82
N ALA B 82 7.01 12.44 12.52
CA ALA B 82 8.14 11.73 11.93
C ALA B 82 9.38 12.61 11.99
N LYS B 83 9.22 13.89 11.70
CA LYS B 83 10.35 14.82 11.73
C LYS B 83 10.93 14.92 13.16
N SER B 84 10.05 14.98 14.14
CA SER B 84 10.44 15.10 15.53
CA SER B 84 10.41 15.09 15.55
C SER B 84 11.14 13.84 16.01
N LEU B 85 10.57 12.69 15.67
CA LEU B 85 11.14 11.43 16.06
C LEU B 85 12.57 11.24 15.52
N PHE B 86 12.83 11.69 14.30
CA PHE B 86 14.14 11.44 13.68
C PHE B 86 15.00 12.71 13.50
N GLY B 87 14.54 13.82 14.04
CA GLY B 87 15.25 15.08 13.91
C GLY B 87 15.50 15.45 12.46
N ALA B 88 14.48 15.20 11.62
CA ALA B 88 14.53 15.51 10.21
C ALA B 88 13.86 16.84 9.95
N ASP B 89 14.26 17.45 8.84
CA ASP B 89 13.61 18.68 8.41
CA ASP B 89 13.64 18.69 8.35
C ASP B 89 12.47 18.39 7.44
N TYR B 90 12.49 17.20 6.88
CA TYR B 90 11.52 16.76 5.89
C TYR B 90 11.09 15.34 6.20
N ALA B 91 9.80 15.07 6.05
CA ALA B 91 9.30 13.69 6.09
C ALA B 91 8.22 13.50 5.04
N ASN B 92 8.33 12.42 4.27
CA ASN B 92 7.29 12.04 3.31
C ASN B 92 6.68 10.74 3.79
N VAL B 93 5.41 10.79 4.15
CA VAL B 93 4.73 9.65 4.79
C VAL B 93 3.79 8.92 3.84
N GLN B 94 3.82 9.26 2.54
CA GLN B 94 2.93 8.63 1.56
C GLN B 94 3.39 7.29 0.99
N PRO B 95 4.71 6.97 1.00
CA PRO B 95 5.08 5.70 0.37
C PRO B 95 4.29 4.48 0.89
N HIS B 96 3.77 3.68 -0.04
CA HIS B 96 2.89 2.57 0.33
C HIS B 96 3.65 1.46 1.03
N SER B 97 4.97 1.45 0.85
CA SER B 97 5.84 0.39 1.34
C SER B 97 7.29 0.89 1.31
N GLY B 98 8.19 0.13 1.91
CA GLY B 98 9.61 0.39 1.76
C GLY B 98 10.06 0.33 0.32
N SER B 99 9.49 -0.59 -0.45
CA SER B 99 9.78 -0.66 -1.88
C SER B 99 9.46 0.63 -2.60
N GLN B 100 8.32 1.25 -2.31
CA GLN B 100 8.00 2.51 -2.98
C GLN B 100 8.85 3.67 -2.47
N ALA B 101 9.19 3.67 -1.17
CA ALA B 101 10.08 4.72 -0.62
C ALA B 101 11.43 4.69 -1.32
N ASN B 102 12.01 3.49 -1.36
CA ASN B 102 13.31 3.32 -2.00
C ASN B 102 13.28 3.64 -3.50
N ALA B 103 12.27 3.16 -4.23
CA ALA B 103 12.17 3.47 -5.66
C ALA B 103 12.14 4.98 -5.88
N ALA B 104 11.46 5.67 -4.98
CA ALA B 104 11.27 7.09 -5.14
C ALA B 104 12.59 7.83 -4.93
N VAL B 105 13.40 7.36 -3.99
CA VAL B 105 14.71 7.92 -3.79
C VAL B 105 15.57 7.75 -5.07
N TYR B 106 15.54 6.56 -5.67
CA TYR B 106 16.30 6.33 -6.91
C TYR B 106 15.89 7.25 -8.02
N GLN B 107 14.58 7.43 -8.19
CA GLN B 107 14.06 8.31 -9.23
C GLN B 107 14.39 9.76 -8.92
N ALA B 108 14.32 10.14 -7.64
CA ALA B 108 14.64 11.50 -7.25
C ALA B 108 16.07 11.91 -7.58
N LEU B 109 17.02 11.01 -7.33
CA LEU B 109 18.43 11.40 -7.22
C LEU B 109 19.30 10.86 -8.34
N CYS B 110 18.78 9.88 -9.06
CA CYS B 110 19.55 9.18 -10.10
C CYS B 110 18.81 9.17 -11.42
N ALA B 111 19.56 9.06 -12.51
CA ALA B 111 19.02 8.86 -13.84
C ALA B 111 19.45 7.47 -14.30
N PRO B 112 18.65 6.78 -15.12
CA PRO B 112 19.06 5.41 -15.45
C PRO B 112 20.44 5.38 -16.14
N GLY B 113 21.23 4.34 -15.89
CA GLY B 113 22.61 4.31 -16.35
C GLY B 113 23.61 5.01 -15.44
N ASP B 114 23.13 5.85 -14.51
CA ASP B 114 24.03 6.44 -13.49
C ASP B 114 24.69 5.32 -12.72
N THR B 115 25.83 5.64 -12.11
CA THR B 115 26.58 4.69 -11.34
C THR B 115 26.18 4.79 -9.87
N ILE B 116 26.10 3.64 -9.21
CA ILE B 116 25.64 3.56 -7.83
C ILE B 116 26.53 2.61 -7.08
N LEU B 117 27.13 3.14 -6.03
CA LEU B 117 27.99 2.38 -5.13
C LEU B 117 27.20 1.98 -3.91
N GLY B 118 27.08 0.68 -3.70
CA GLY B 118 26.26 0.17 -2.61
C GLY B 118 26.79 -1.10 -1.97
N MET B 119 26.03 -1.52 -0.97
CA MET B 119 26.24 -2.76 -0.22
C MET B 119 25.66 -3.95 -0.98
N MET B 139 19.17 -1.14 -15.19
CA MET B 139 18.77 0.25 -15.15
C MET B 139 19.92 1.13 -14.67
N TYR B 140 20.82 0.57 -13.87
CA TYR B 140 21.97 1.30 -13.30
C TYR B 140 23.28 0.51 -13.32
N ASN B 141 24.40 1.22 -13.38
CA ASN B 141 25.71 0.60 -13.26
C ASN B 141 26.06 0.45 -11.78
N ALA B 142 26.05 -0.79 -11.30
CA ALA B 142 26.24 -1.05 -9.88
C ALA B 142 27.69 -1.34 -9.55
N VAL B 143 28.16 -0.72 -8.48
CA VAL B 143 29.44 -1.06 -7.86
C VAL B 143 29.17 -1.47 -6.42
N GLN B 144 29.84 -2.51 -5.96
CA GLN B 144 29.60 -3.02 -4.61
C GLN B 144 30.78 -2.82 -3.68
N TYR B 145 30.49 -2.75 -2.40
CA TYR B 145 31.50 -2.79 -1.36
C TYR B 145 31.01 -3.78 -0.31
N GLY B 146 31.95 -4.41 0.38
CA GLY B 146 31.63 -5.44 1.36
C GLY B 146 31.63 -4.92 2.78
N ILE B 153 33.87 -5.74 9.82
CA ILE B 153 33.73 -4.28 9.82
C ILE B 153 33.97 -3.70 8.43
N LEU B 154 33.28 -2.61 8.11
CA LEU B 154 33.42 -2.01 6.80
C LEU B 154 34.83 -1.45 6.62
N ASP B 155 35.37 -1.58 5.42
CA ASP B 155 36.63 -0.92 5.09
C ASP B 155 36.32 0.38 4.37
N TYR B 156 36.32 1.46 5.13
CA TYR B 156 35.98 2.78 4.62
C TYR B 156 37.04 3.26 3.64
N ALA B 157 38.30 2.88 3.88
CA ALA B 157 39.39 3.21 2.98
C ALA B 157 39.08 2.71 1.58
N GLU B 158 38.58 1.47 1.52
CA GLU B 158 38.20 0.82 0.27
C GLU B 158 36.93 1.40 -0.36
N ILE B 159 35.93 1.71 0.47
CA ILE B 159 34.73 2.37 -0.02
C ILE B 159 35.13 3.69 -0.67
N GLU B 160 36.04 4.43 -0.04
CA GLU B 160 36.51 5.69 -0.59
C GLU B 160 37.22 5.48 -1.92
N ARG B 161 38.08 4.47 -1.99
CA ARG B 161 38.80 4.15 -3.21
C ARG B 161 37.81 3.83 -4.34
N LEU B 162 36.78 3.04 -4.03
CA LEU B 162 35.76 2.74 -5.03
C LEU B 162 35.00 4.00 -5.41
N ALA B 163 34.69 4.83 -4.42
CA ALA B 163 34.02 6.08 -4.70
C ALA B 163 34.86 6.93 -5.67
N VAL B 164 36.15 7.04 -5.39
CA VAL B 164 37.00 7.91 -6.22
C VAL B 164 37.14 7.33 -7.62
N GLU B 165 37.32 6.02 -7.69
CA GLU B 165 37.51 5.33 -8.94
C GLU B 165 36.27 5.40 -9.84
N HIS B 166 35.08 5.18 -9.28
CA HIS B 166 33.88 5.03 -10.11
C HIS B 166 32.94 6.23 -10.17
N LYS B 167 33.19 7.25 -9.35
CA LYS B 167 32.38 8.47 -9.36
C LYS B 167 30.88 8.15 -9.33
N PRO B 168 30.43 7.53 -8.25
CA PRO B 168 29.00 7.20 -8.25
C PRO B 168 28.14 8.46 -8.17
N THR B 169 26.97 8.46 -8.79
CA THR B 169 25.97 9.51 -8.56
C THR B 169 25.42 9.39 -7.12
N MET B 170 25.23 8.16 -6.68
CA MET B 170 24.69 7.89 -5.35
C MET B 170 25.48 6.81 -4.64
N ILE B 171 25.71 7.04 -3.34
CA ILE B 171 26.26 6.02 -2.46
C ILE B 171 25.18 5.59 -1.49
N ILE B 172 25.01 4.28 -1.34
CA ILE B 172 24.02 3.73 -0.44
C ILE B 172 24.69 3.03 0.73
N ALA B 173 24.24 3.34 1.94
CA ALA B 173 24.67 2.63 3.14
C ALA B 173 23.45 2.15 3.92
N GLY B 174 23.66 1.17 4.77
CA GLY B 174 22.57 0.61 5.55
C GLY B 174 23.15 -0.31 6.60
N PHE B 175 22.29 -1.12 7.19
CA PHE B 175 22.64 -1.90 8.35
C PHE B 175 22.68 -3.42 8.02
N GLY B 180 27.70 -4.20 12.60
CA GLY B 180 28.21 -3.40 13.70
C GLY B 180 27.63 -1.99 13.72
N ILE B 181 28.42 -1.03 14.19
CA ILE B 181 28.01 0.38 14.16
C ILE B 181 28.51 1.02 12.87
N VAL B 182 27.60 1.46 12.02
CA VAL B 182 28.00 2.08 10.76
C VAL B 182 28.32 3.55 10.97
N ASP B 183 29.44 3.99 10.44
CA ASP B 183 29.89 5.35 10.64
C ASP B 183 29.31 6.28 9.56
N TRP B 184 28.13 6.85 9.85
CA TRP B 184 27.46 7.76 8.90
C TRP B 184 28.35 8.96 8.53
N ALA B 185 29.08 9.51 9.50
CA ALA B 185 29.89 10.70 9.24
C ALA B 185 30.99 10.41 8.23
N LYS B 186 31.53 9.19 8.27
CA LYS B 186 32.53 8.79 7.28
C LYS B 186 31.93 8.67 5.87
N PHE B 187 30.74 8.09 5.74
CA PHE B 187 30.06 8.06 4.45
C PHE B 187 29.81 9.48 3.90
N ARG B 188 29.43 10.42 4.76
CA ARG B 188 29.23 11.82 4.36
C ARG B 188 30.53 12.37 3.79
N GLU B 189 31.62 12.14 4.53
CA GLU B 189 32.95 12.52 4.10
C GLU B 189 33.26 12.00 2.70
N ILE B 190 33.03 10.70 2.49
CA ILE B 190 33.29 10.08 1.19
C ILE B 190 32.38 10.66 0.10
N ALA B 191 31.09 10.80 0.40
CA ALA B 191 30.15 11.35 -0.56
C ALA B 191 30.56 12.75 -0.95
N ASP B 192 30.94 13.55 0.06
CA ASP B 192 31.44 14.90 -0.14
C ASP B 192 32.63 14.91 -1.08
N LYS B 193 33.57 14.00 -0.85
CA LYS B 193 34.79 13.95 -1.65
C LYS B 193 34.49 13.83 -3.13
N VAL B 194 33.56 12.96 -3.52
CA VAL B 194 33.30 12.72 -4.95
C VAL B 194 31.99 13.32 -5.46
N GLY B 195 31.35 14.17 -4.65
CA GLY B 195 30.11 14.83 -5.07
C GLY B 195 28.92 13.88 -5.28
N ALA B 196 28.88 12.81 -4.50
CA ALA B 196 27.77 11.85 -4.60
C ALA B 196 26.67 12.18 -3.58
N TYR B 197 25.44 11.79 -3.90
CA TYR B 197 24.37 11.78 -2.92
C TYR B 197 24.62 10.64 -1.94
N LEU B 198 24.20 10.80 -0.69
CA LEU B 198 24.30 9.74 0.30
C LEU B 198 22.87 9.33 0.65
N PHE B 199 22.54 8.08 0.33
CA PHE B 199 21.26 7.45 0.65
C PHE B 199 21.46 6.39 1.72
N VAL B 200 20.79 6.54 2.85
CA VAL B 200 20.80 5.52 3.89
C VAL B 200 19.44 4.82 3.99
N ASP B 201 19.48 3.51 3.86
CA ASP B 201 18.31 2.68 4.11
C ASP B 201 18.41 2.23 5.55
N MET B 202 17.53 2.79 6.37
CA MET B 202 17.60 2.66 7.83
C MET B 202 16.87 1.41 8.32
N ALA B 203 16.53 0.53 7.37
CA ALA B 203 15.97 -0.78 7.69
C ALA B 203 16.72 -1.50 8.82
N HIS B 204 15.95 -1.94 9.81
CA HIS B 204 16.46 -2.77 10.91
C HIS B 204 17.22 -2.00 12.00
N VAL B 205 17.47 -0.70 11.82
CA VAL B 205 17.84 0.15 12.96
C VAL B 205 16.92 1.32 13.20
N ALA B 206 15.79 1.39 12.49
CA ALA B 206 14.94 2.58 12.62
C ALA B 206 14.47 2.77 14.06
N GLY B 207 14.07 1.69 14.72
CA GLY B 207 13.59 1.80 16.09
C GLY B 207 14.68 2.21 17.08
N LEU B 208 15.86 1.64 16.91
CA LEU B 208 17.01 2.00 17.74
C LEU B 208 17.34 3.47 17.55
N VAL B 209 17.33 3.92 16.29
CA VAL B 209 17.57 5.35 16.02
C VAL B 209 16.50 6.21 16.66
N ALA B 210 15.22 5.82 16.53
CA ALA B 210 14.15 6.60 17.13
C ALA B 210 14.32 6.70 18.64
N ALA B 211 14.89 5.67 19.23
CA ALA B 211 14.99 5.60 20.68
C ALA B 211 16.29 6.22 21.22
N GLY B 212 17.14 6.71 20.33
CA GLY B 212 18.40 7.32 20.77
C GLY B 212 19.46 6.29 21.15
N LEU B 213 19.38 5.10 20.58
CA LEU B 213 20.25 4.00 20.94
C LEU B 213 21.19 3.59 19.80
N TYR B 214 21.12 4.33 18.70
CA TYR B 214 21.99 4.08 17.56
C TYR B 214 22.19 5.41 16.87
N PRO B 215 23.43 5.69 16.38
CA PRO B 215 23.69 6.96 15.68
C PRO B 215 22.67 7.25 14.59
N ASN B 216 22.22 8.49 14.51
CA ASN B 216 21.20 8.89 13.54
C ASN B 216 21.82 9.23 12.18
N PRO B 217 21.39 8.54 11.11
CA PRO B 217 21.90 8.86 9.77
C PRO B 217 21.33 10.16 9.17
N VAL B 218 20.25 10.68 9.75
CA VAL B 218 19.54 11.80 9.13
C VAL B 218 20.43 13.05 8.98
N PRO B 219 21.21 13.42 10.02
CA PRO B 219 22.13 14.56 9.90
C PRO B 219 23.22 14.39 8.85
N PHE B 220 23.46 13.16 8.38
CA PHE B 220 24.56 12.91 7.47
C PHE B 220 24.11 12.57 6.08
N ALA B 221 23.10 11.72 5.93
CA ALA B 221 22.60 11.39 4.61
C ALA B 221 21.83 12.54 3.97
N ASP B 222 21.77 12.51 2.65
CA ASP B 222 20.90 13.42 1.92
C ASP B 222 19.46 12.96 2.09
N VAL B 223 19.26 11.65 2.22
CA VAL B 223 17.91 11.10 2.36
C VAL B 223 17.98 9.75 3.06
N VAL B 224 16.95 9.47 3.86
CA VAL B 224 16.88 8.24 4.65
C VAL B 224 15.53 7.61 4.39
N THR B 225 15.49 6.28 4.27
CA THR B 225 14.20 5.57 4.23
C THR B 225 14.07 4.51 5.31
N THR B 226 12.83 4.12 5.54
CA THR B 226 12.55 3.00 6.42
C THR B 226 11.11 2.56 6.15
N THR B 227 10.81 1.33 6.57
CA THR B 227 9.44 0.88 6.65
C THR B 227 8.91 1.32 8.00
N THR B 228 7.61 1.20 8.18
CA THR B 228 7.02 1.69 9.40
C THR B 228 6.50 0.54 10.29
N HIS B 229 6.66 -0.70 9.82
CA HIS B 229 6.02 -1.87 10.45
C HIS B 229 6.99 -2.83 11.12
N LYS B 230 8.29 -2.67 10.88
CA LYS B 230 9.27 -3.64 11.40
C LYS B 230 9.69 -3.16 12.78
N THR B 231 10.88 -2.57 12.95
CA THR B 231 11.28 -2.25 14.32
C THR B 231 10.51 -1.07 14.90
N LEU B 232 9.82 -0.28 14.08
CA LEU B 232 8.97 0.78 14.60
C LEU B 232 7.63 0.28 15.10
N GLY B 233 7.25 -0.93 14.68
CA GLY B 233 6.06 -1.58 15.17
C GLY B 233 4.74 -0.92 14.80
N GLY B 234 4.74 -0.16 13.71
CA GLY B 234 3.55 0.53 13.23
C GLY B 234 2.84 -0.16 12.08
N PRO B 235 2.10 0.63 11.31
CA PRO B 235 1.38 0.10 10.15
C PRO B 235 2.34 -0.33 9.06
N ARG B 236 1.87 -1.15 8.13
CA ARG B 236 2.69 -1.47 6.99
C ARG B 236 2.72 -0.27 6.06
N GLY B 237 3.92 0.20 5.73
CA GLY B 237 4.07 1.32 4.83
C GLY B 237 5.52 1.75 4.80
N GLY B 238 5.79 2.80 4.03
CA GLY B 238 7.10 3.41 3.95
C GLY B 238 7.19 4.84 4.45
N LEU B 239 8.43 5.33 4.56
CA LEU B 239 8.72 6.63 5.14
C LEU B 239 10.00 7.15 4.50
N ILE B 240 9.99 8.41 4.07
CA ILE B 240 11.19 9.10 3.59
C ILE B 240 11.49 10.25 4.55
N LEU B 241 12.76 10.39 4.94
CA LEU B 241 13.20 11.48 5.80
C LEU B 241 14.39 12.17 5.13
N ALA B 242 14.55 13.46 5.42
CA ALA B 242 15.70 14.17 4.91
C ALA B 242 16.06 15.34 5.83
N LYS B 243 17.36 15.57 5.95
CA LYS B 243 17.87 16.83 6.48
C LYS B 243 17.55 17.94 5.47
N ALA B 244 17.67 19.18 5.93
CA ALA B 244 17.22 20.32 5.14
C ALA B 244 18.01 20.44 3.82
N ASN B 245 17.27 20.42 2.73
CA ASN B 245 17.80 20.70 1.40
C ASN B 245 16.62 20.90 0.49
N GLU B 246 16.35 22.15 0.16
CA GLU B 246 15.11 22.48 -0.51
C GLU B 246 14.98 21.73 -1.84
N ALA B 247 16.05 21.70 -2.62
CA ALA B 247 16.03 21.03 -3.92
C ALA B 247 15.78 19.52 -3.82
N ILE B 248 16.44 18.87 -2.87
CA ILE B 248 16.30 17.43 -2.73
C ILE B 248 14.87 17.12 -2.24
N GLU B 249 14.36 17.95 -1.34
CA GLU B 249 13.01 17.76 -0.85
C GLU B 249 11.97 17.85 -1.99
N LYS B 250 12.12 18.80 -2.93
CA LYS B 250 11.19 18.91 -4.04
C LYS B 250 11.30 17.71 -4.96
N LYS B 251 12.52 17.18 -5.13
CA LYS B 251 12.70 16.03 -6.01
C LYS B 251 12.00 14.81 -5.38
N LEU B 252 12.13 14.72 -4.06
CA LEU B 252 11.50 13.61 -3.33
C LEU B 252 9.99 13.71 -3.40
N ASN B 253 9.46 14.93 -3.27
CA ASN B 253 8.02 15.14 -3.38
C ASN B 253 7.46 14.56 -4.67
N SER B 254 8.08 14.91 -5.79
CA SER B 254 7.58 14.59 -7.11
C SER B 254 7.81 13.15 -7.47
N ALA B 255 8.91 12.60 -6.94
CA ALA B 255 9.24 11.20 -7.15
C ALA B 255 8.20 10.28 -6.49
N VAL B 256 7.76 10.62 -5.28
CA VAL B 256 6.73 9.81 -4.64
C VAL B 256 5.42 9.99 -5.42
N PHE B 257 5.07 11.24 -5.71
CA PHE B 257 3.88 11.55 -6.49
C PHE B 257 4.14 12.72 -7.41
N PRO B 258 3.92 12.55 -8.72
CA PRO B 258 3.32 11.40 -9.44
C PRO B 258 4.27 10.28 -9.83
N GLY B 259 5.54 10.40 -9.45
CA GLY B 259 6.55 9.44 -9.85
C GLY B 259 6.25 7.98 -9.57
N GLN B 260 6.08 7.59 -8.31
CA GLN B 260 5.84 6.18 -7.98
C GLN B 260 4.36 5.86 -7.67
N GLN B 261 3.59 6.86 -7.27
CA GLN B 261 2.26 6.65 -6.73
C GLN B 261 1.26 7.66 -7.28
N GLY B 262 -0.01 7.36 -7.02
CA GLY B 262 -1.11 8.26 -7.21
C GLY B 262 -1.56 8.67 -5.82
N GLY B 263 -2.79 8.34 -5.49
CA GLY B 263 -3.34 8.72 -4.21
C GLY B 263 -2.73 7.90 -3.09
N PRO B 264 -2.42 8.55 -1.96
CA PRO B 264 -1.91 7.85 -0.78
C PRO B 264 -3.02 7.14 -0.02
N LEU B 265 -2.62 6.24 0.87
CA LEU B 265 -3.58 5.53 1.69
C LEU B 265 -3.81 6.34 2.96
N MET B 266 -4.86 7.16 3.01
CA MET B 266 -4.94 8.15 4.09
C MET B 266 -5.23 7.50 5.45
N HIS B 267 -5.94 6.39 5.43
CA HIS B 267 -6.16 5.62 6.66
C HIS B 267 -4.84 5.05 7.21
N VAL B 268 -3.93 4.66 6.33
CA VAL B 268 -2.63 4.13 6.78
C VAL B 268 -1.74 5.31 7.24
N ILE B 269 -1.92 6.48 6.63
CA ILE B 269 -1.17 7.67 7.06
C ILE B 269 -1.60 8.07 8.47
N ALA B 270 -2.91 8.06 8.74
CA ALA B 270 -3.38 8.28 10.11
C ALA B 270 -2.78 7.26 11.09
N ALA B 271 -2.72 6.00 10.66
CA ALA B 271 -2.08 4.95 11.45
C ALA B 271 -0.62 5.27 11.71
N LYS B 272 0.05 5.85 10.70
CA LYS B 272 1.44 6.29 10.87
C LYS B 272 1.52 7.40 11.92
N ALA B 273 0.59 8.35 11.90
CA ALA B 273 0.59 9.43 12.89
C ALA B 273 0.55 8.89 14.34
N VAL B 274 -0.35 7.95 14.62
CA VAL B 274 -0.52 7.51 15.99
C VAL B 274 0.64 6.59 16.37
N ALA B 275 1.14 5.81 15.43
CA ALA B 275 2.32 4.99 15.70
C ALA B 275 3.54 5.83 16.04
N PHE B 276 3.74 6.96 15.36
CA PHE B 276 4.88 7.83 15.63
C PHE B 276 4.75 8.47 17.00
N LYS B 277 3.51 8.76 17.41
CA LYS B 277 3.25 9.22 18.75
C LYS B 277 3.62 8.10 19.75
N GLU B 278 3.22 6.87 19.49
CA GLU B 278 3.58 5.79 20.40
C GLU B 278 5.10 5.57 20.46
N CYS B 279 5.79 5.80 19.35
CA CYS B 279 7.22 5.55 19.26
C CYS B 279 8.04 6.58 20.04
N ALA B 280 7.43 7.73 20.31
CA ALA B 280 8.11 8.79 21.06
C ALA B 280 7.94 8.63 22.58
N GLU B 281 7.11 7.68 23.02
CA GLU B 281 6.90 7.45 24.44
C GLU B 281 8.18 6.90 25.08
N PRO B 282 8.46 7.24 26.35
CA PRO B 282 9.66 6.69 27.00
C PRO B 282 9.69 5.16 27.00
N GLU B 283 8.51 4.54 27.06
CA GLU B 283 8.40 3.08 27.06
C GLU B 283 9.00 2.46 25.80
N PHE B 284 9.02 3.21 24.71
CA PHE B 284 9.50 2.66 23.45
C PHE B 284 11.00 2.39 23.46
N ALA B 285 11.79 3.26 24.09
CA ALA B 285 13.22 3.02 24.23
C ALA B 285 13.47 1.78 25.11
N VAL B 286 12.61 1.61 26.11
CA VAL B 286 12.69 0.46 27.00
C VAL B 286 12.42 -0.81 26.22
N TYR B 287 11.39 -0.76 25.37
CA TYR B 287 11.08 -1.86 24.46
C TYR B 287 12.26 -2.18 23.52
N GLN B 288 12.87 -1.15 22.94
CA GLN B 288 14.01 -1.39 22.04
C GLN B 288 15.17 -2.07 22.76
N GLN B 289 15.41 -1.72 24.03
CA GLN B 289 16.50 -2.35 24.75
C GLN B 289 16.12 -3.80 25.05
N GLN B 290 14.85 -4.05 25.36
CA GLN B 290 14.36 -5.42 25.49
C GLN B 290 14.57 -6.25 24.22
N VAL B 291 14.33 -5.65 23.06
CA VAL B 291 14.55 -6.33 21.79
C VAL B 291 16.01 -6.84 21.70
N LEU B 292 16.92 -5.96 22.08
CA LEU B 292 18.35 -6.24 22.05
C LEU B 292 18.76 -7.25 23.09
N ASP B 293 18.28 -7.07 24.32
CA ASP B 293 18.56 -8.05 25.38
C ASP B 293 18.06 -9.45 25.05
N ASN B 294 16.89 -9.53 24.42
CA ASN B 294 16.35 -10.83 24.07
C ASN B 294 17.22 -11.48 23.02
N ALA B 295 17.70 -10.71 22.05
CA ALA B 295 18.51 -11.30 21.01
C ALA B 295 19.84 -11.84 21.61
N LYS B 296 20.41 -11.06 22.52
CA LYS B 296 21.66 -11.43 23.20
C LYS B 296 21.49 -12.73 23.99
N ALA B 297 20.44 -12.82 24.80
CA ALA B 297 20.09 -14.07 25.50
C ALA B 297 19.99 -15.28 24.56
N MET B 298 19.34 -15.12 23.41
CA MET B 298 19.19 -16.21 22.48
C MET B 298 20.53 -16.59 21.88
N VAL B 299 21.32 -15.58 21.57
CA VAL B 299 22.64 -15.81 20.98
C VAL B 299 23.49 -16.63 21.95
N LYS B 300 23.47 -16.26 23.23
CA LYS B 300 24.32 -16.93 24.22
C LYS B 300 23.90 -18.39 24.38
N SER B 301 22.61 -18.67 24.22
CA SER B 301 22.13 -20.04 24.29
C SER B 301 22.58 -20.86 23.09
N PHE B 302 22.45 -20.29 21.89
CA PHE B 302 22.89 -21.01 20.71
C PHE B 302 24.41 -21.33 20.80
N LEU B 303 25.19 -20.33 21.18
CA LEU B 303 26.65 -20.51 21.28
C LEU B 303 27.00 -21.57 22.33
N ALA B 304 26.30 -21.53 23.47
CA ALA B 304 26.51 -22.49 24.54
C ALA B 304 26.16 -23.90 24.12
N ARG B 305 25.26 -24.02 23.13
CA ARG B 305 24.80 -25.32 22.65
C ARG B 305 25.54 -25.78 21.41
N GLY B 306 26.56 -25.03 21.02
CA GLY B 306 27.39 -25.43 19.91
C GLY B 306 26.92 -25.02 18.53
N TYR B 307 26.06 -24.01 18.46
CA TYR B 307 25.58 -23.52 17.19
C TYR B 307 26.23 -22.19 16.88
N LYS B 308 26.81 -22.12 15.70
CA LYS B 308 27.44 -20.90 15.22
C LYS B 308 26.45 -19.78 14.92
N ILE B 309 26.77 -18.57 15.40
CA ILE B 309 26.00 -17.36 15.13
C ILE B 309 26.78 -16.32 14.29
N VAL B 310 26.11 -15.81 13.26
CA VAL B 310 26.54 -14.60 12.54
C VAL B 310 25.74 -13.38 13.04
N SER B 311 26.45 -12.41 13.60
CA SER B 311 25.83 -11.24 14.24
C SER B 311 26.64 -9.98 13.92
N ASN B 316 22.64 -5.77 18.12
CA ASN B 316 21.83 -6.23 16.99
C ASN B 316 20.56 -6.96 17.43
N HIS B 317 19.47 -6.73 16.70
CA HIS B 317 18.19 -7.36 17.02
C HIS B 317 17.90 -8.57 16.13
N LEU B 318 18.80 -8.84 15.18
CA LEU B 318 18.66 -10.03 14.35
C LEU B 318 20.02 -10.67 14.15
N PHE B 319 20.01 -11.97 13.91
CA PHE B 319 21.24 -12.73 13.81
C PHE B 319 20.93 -13.95 12.99
N LEU B 320 21.96 -14.63 12.52
CA LEU B 320 21.76 -15.85 11.76
C LEU B 320 22.27 -16.98 12.59
N VAL B 321 21.56 -18.10 12.53
CA VAL B 321 22.08 -19.34 13.09
C VAL B 321 22.63 -20.08 11.90
N ASP B 322 23.95 -20.29 11.89
CA ASP B 322 24.59 -21.00 10.79
C ASP B 322 24.59 -22.50 11.09
N LEU B 323 24.09 -23.30 10.15
CA LEU B 323 23.87 -24.72 10.37
C LEU B 323 24.83 -25.65 9.64
N ILE B 324 25.90 -25.10 9.07
CA ILE B 324 26.93 -25.91 8.39
C ILE B 324 27.52 -27.04 9.26
N ALA B 325 27.93 -26.71 10.46
CA ALA B 325 28.55 -27.69 11.34
C ALA B 325 27.68 -28.93 11.58
N GLN B 326 26.37 -28.75 11.51
CA GLN B 326 25.46 -29.83 11.84
C GLN B 326 24.84 -30.48 10.60
N ASP B 327 25.17 -30.00 9.42
CA ASP B 327 24.65 -30.56 8.17
C ASP B 327 23.10 -30.51 8.14
N ILE B 328 22.56 -29.42 8.65
CA ILE B 328 21.12 -29.17 8.62
C ILE B 328 20.84 -28.06 7.62
N THR B 329 19.82 -28.23 6.78
CA THR B 329 19.41 -27.14 5.90
C THR B 329 18.47 -26.20 6.63
N GLY B 330 18.45 -24.95 6.21
CA GLY B 330 17.52 -23.96 6.76
C GLY B 330 16.06 -24.39 6.55
N LYS B 331 15.78 -24.98 5.40
CA LYS B 331 14.44 -25.48 5.08
C LYS B 331 14.00 -26.57 6.07
N GLU B 332 14.91 -27.51 6.30
CA GLU B 332 14.74 -28.62 7.22
C GLU B 332 14.48 -28.12 8.66
N ALA B 333 15.28 -27.16 9.09
CA ALA B 333 15.17 -26.60 10.42
C ALA B 333 13.87 -25.79 10.60
N ASP B 334 13.50 -24.99 9.61
CA ASP B 334 12.34 -24.13 9.78
C ASP B 334 11.06 -24.99 9.79
N ALA B 335 11.04 -26.07 9.01
CA ALA B 335 9.91 -26.99 9.04
C ALA B 335 9.74 -27.64 10.43
N ALA B 336 10.82 -28.15 10.99
CA ALA B 336 10.76 -28.80 12.30
C ALA B 336 10.36 -27.81 13.40
N LEU B 337 10.96 -26.62 13.37
CA LEU B 337 10.66 -25.62 14.38
C LEU B 337 9.20 -25.16 14.26
N GLY B 338 8.69 -25.06 13.04
CA GLY B 338 7.29 -24.71 12.83
C GLY B 338 6.33 -25.72 13.44
N ASN B 339 6.66 -27.00 13.32
CA ASN B 339 5.83 -28.04 13.93
C ASN B 339 5.79 -27.93 15.46
N ALA B 340 6.79 -27.26 16.01
CA ALA B 340 6.86 -26.93 17.44
C ALA B 340 6.31 -25.53 17.77
N HIS B 341 5.63 -24.91 16.80
CA HIS B 341 4.93 -23.62 16.94
C HIS B 341 5.92 -22.46 17.11
N ILE B 342 7.09 -22.62 16.50
CA ILE B 342 8.10 -21.58 16.47
C ILE B 342 8.31 -21.19 15.01
N THR B 343 7.85 -19.99 14.65
CA THR B 343 7.91 -19.54 13.26
C THR B 343 9.18 -18.73 13.03
N VAL B 344 10.04 -19.28 12.18
CA VAL B 344 11.34 -18.71 11.85
C VAL B 344 11.48 -18.79 10.33
N ASN B 345 12.40 -18.03 9.75
CA ASN B 345 12.68 -18.17 8.32
C ASN B 345 14.07 -18.68 8.07
N LYS B 346 14.17 -19.62 7.13
CA LYS B 346 15.44 -20.04 6.57
C LYS B 346 16.10 -18.81 5.96
N ASN B 347 17.41 -18.87 5.83
CA ASN B 347 18.18 -17.75 5.34
C ASN B 347 19.58 -18.22 4.95
N SER B 348 20.08 -17.77 3.80
CA SER B 348 21.43 -18.10 3.37
C SER B 348 22.50 -17.49 4.29
N VAL B 349 23.51 -18.27 4.66
CA VAL B 349 24.63 -17.72 5.44
C VAL B 349 25.59 -17.10 4.43
N PRO B 350 26.56 -16.29 4.91
CA PRO B 350 27.50 -15.75 3.93
C PRO B 350 28.20 -16.88 3.18
N ASN B 351 28.27 -16.76 1.86
CA ASN B 351 28.92 -17.75 1.02
C ASN B 351 28.29 -19.14 1.17
N ASP B 352 26.97 -19.14 1.35
CA ASP B 352 26.22 -20.39 1.57
C ASP B 352 26.44 -21.37 0.43
N PRO B 353 26.86 -22.61 0.75
CA PRO B 353 27.05 -23.60 -0.32
C PRO B 353 25.73 -24.12 -0.93
N ARG B 354 24.58 -23.83 -0.31
CA ARG B 354 23.30 -24.32 -0.80
C ARG B 354 22.50 -23.20 -1.45
N SER B 355 21.51 -23.56 -2.27
CA SER B 355 20.73 -22.56 -2.97
C SER B 355 19.86 -21.77 -1.98
N PRO B 356 19.37 -20.59 -2.41
CA PRO B 356 18.52 -19.75 -1.56
C PRO B 356 17.16 -20.38 -1.21
N PHE B 357 16.80 -21.43 -1.94
CA PHE B 357 15.55 -22.16 -1.68
C PHE B 357 15.74 -23.28 -0.66
N VAL B 358 16.98 -23.45 -0.21
CA VAL B 358 17.33 -24.46 0.77
C VAL B 358 18.06 -23.84 1.95
N THR B 359 19.26 -23.32 1.65
CA THR B 359 20.07 -22.55 2.61
C THR B 359 20.64 -23.41 3.72
N SER B 360 21.55 -22.80 4.46
CA SER B 360 22.25 -23.48 5.55
C SER B 360 22.13 -22.67 6.83
N GLY B 361 21.08 -21.86 6.92
CA GLY B 361 20.90 -21.04 8.11
C GLY B 361 19.46 -20.66 8.43
N LEU B 362 19.30 -20.06 9.61
CA LEU B 362 18.05 -19.43 10.04
C LEU B 362 18.33 -17.98 10.32
N ARG B 363 17.36 -17.12 10.01
CA ARG B 363 17.43 -15.72 10.42
C ARG B 363 16.43 -15.48 11.54
N ILE B 364 16.92 -14.96 12.66
CA ILE B 364 16.08 -14.73 13.83
C ILE B 364 16.12 -13.25 14.19
N GLY B 365 14.95 -12.67 14.41
CA GLY B 365 14.84 -11.38 15.04
C GLY B 365 13.85 -11.36 16.20
N THR B 366 14.14 -10.52 17.19
CA THR B 366 13.37 -10.45 18.40
C THR B 366 12.38 -9.25 18.54
N PRO B 367 12.23 -8.40 17.50
CA PRO B 367 11.22 -7.34 17.71
C PRO B 367 9.84 -7.83 18.16
N ALA B 368 9.28 -8.83 17.51
CA ALA B 368 7.97 -9.35 17.87
C ALA B 368 7.99 -10.06 19.23
N LEU B 369 9.02 -10.88 19.44
CA LEU B 369 9.20 -11.58 20.72
C LEU B 369 9.12 -10.60 21.89
N ALA B 370 9.91 -9.53 21.82
CA ALA B 370 9.94 -8.52 22.88
C ALA B 370 8.63 -7.72 22.94
N ARG B 371 8.03 -7.46 21.79
CA ARG B 371 6.82 -6.65 21.78
C ARG B 371 5.69 -7.33 22.56
N ARG B 372 5.61 -8.67 22.51
CA ARG B 372 4.55 -9.39 23.23
C ARG B 372 4.97 -9.70 24.68
N GLY B 373 6.11 -9.17 25.12
CA GLY B 373 6.47 -9.16 26.53
C GLY B 373 7.33 -10.33 27.00
N VAL B 374 7.87 -11.10 26.08
CA VAL B 374 8.79 -12.15 26.45
C VAL B 374 10.08 -11.49 26.98
N ASN B 375 10.59 -11.97 28.13
CA ASN B 375 11.78 -11.35 28.71
C ASN B 375 13.06 -12.09 28.32
N ALA B 376 14.19 -11.58 28.78
CA ALA B 376 15.48 -12.14 28.37
C ALA B 376 15.69 -13.59 28.84
N GLN B 377 15.22 -13.92 30.05
CA GLN B 377 15.35 -15.29 30.54
C GLN B 377 14.52 -16.26 29.70
N GLN B 378 13.27 -15.89 29.42
CA GLN B 378 12.41 -16.69 28.56
C GLN B 378 13.02 -16.84 27.16
N SER B 379 13.61 -15.77 26.66
CA SER B 379 14.25 -15.84 25.36
C SER B 379 15.40 -16.86 25.36
N ALA B 380 16.20 -16.85 26.41
CA ALA B 380 17.31 -17.80 26.57
C ALA B 380 16.79 -19.23 26.54
N GLU B 381 15.72 -19.50 27.31
CA GLU B 381 15.14 -20.85 27.33
C GLU B 381 14.57 -21.23 25.98
N LEU B 382 13.92 -20.27 25.32
CA LEU B 382 13.34 -20.53 24.01
C LEU B 382 14.41 -21.02 23.03
N ALA B 383 15.56 -20.36 23.04
CA ALA B 383 16.66 -20.72 22.15
C ALA B 383 17.15 -22.13 22.48
N LEU B 384 17.19 -22.44 23.76
CA LEU B 384 17.57 -23.79 24.20
C LEU B 384 16.58 -24.82 23.67
N TRP B 385 15.28 -24.51 23.71
CA TRP B 385 14.29 -25.41 23.10
C TRP B 385 14.56 -25.60 21.61
N MET B 386 14.96 -24.51 20.95
CA MET B 386 15.22 -24.56 19.52
C MET B 386 16.44 -25.47 19.26
N CYS B 387 17.44 -25.35 20.13
CA CYS B 387 18.60 -26.24 20.06
C CYS B 387 18.22 -27.73 20.28
N ASP B 388 17.29 -27.99 21.20
CA ASP B 388 16.79 -29.35 21.42
C ASP B 388 16.24 -29.91 20.11
N VAL B 389 15.46 -29.11 19.40
CA VAL B 389 14.91 -29.52 18.13
C VAL B 389 16.03 -29.75 17.11
N LEU B 390 16.93 -28.79 16.98
CA LEU B 390 17.99 -28.91 15.98
C LEU B 390 18.86 -30.14 16.26
N ASP B 391 19.20 -30.38 17.53
CA ASP B 391 20.00 -31.56 17.91
C ASP B 391 19.34 -32.88 17.53
N ALA B 392 18.01 -32.92 17.58
CA ALA B 392 17.28 -34.16 17.32
C ALA B 392 16.90 -34.34 15.86
N ILE B 393 17.22 -33.38 15.01
CA ILE B 393 16.56 -33.29 13.70
C ILE B 393 16.83 -34.46 12.75
N LYS B 394 17.95 -35.16 12.95
CA LYS B 394 18.25 -36.29 12.09
C LYS B 394 17.60 -37.59 12.58
N ASP B 395 17.15 -37.58 13.84
CA ASP B 395 16.55 -38.77 14.49
C ASP B 395 15.02 -38.63 14.49
N GLU B 396 14.37 -39.41 13.62
CA GLU B 396 12.93 -39.26 13.39
C GLU B 396 12.11 -39.41 14.67
N ALA B 397 12.44 -40.41 15.48
CA ALA B 397 11.68 -40.72 16.68
C ALA B 397 11.95 -39.68 17.75
N LYS B 398 13.22 -39.36 17.93
CA LYS B 398 13.64 -38.39 18.92
C LYS B 398 13.14 -37.00 18.56
N LEU B 399 13.13 -36.68 17.26
CA LEU B 399 12.63 -35.38 16.81
C LEU B 399 11.14 -35.26 17.14
N ALA B 400 10.36 -36.31 16.89
CA ALA B 400 8.92 -36.25 17.18
C ALA B 400 8.67 -36.03 18.67
N THR B 401 9.42 -36.75 19.50
CA THR B 401 9.34 -36.63 20.94
C THR B 401 9.71 -35.23 21.40
N THR B 402 10.79 -34.69 20.84
CA THR B 402 11.25 -33.35 21.17
C THR B 402 10.24 -32.27 20.76
N ILE B 403 9.69 -32.37 19.53
CA ILE B 403 8.68 -31.40 19.07
C ILE B 403 7.47 -31.40 20.02
N THR B 404 7.03 -32.57 20.43
CA THR B 404 5.91 -32.67 21.36
C THR B 404 6.21 -31.93 22.65
N ALA B 405 7.44 -32.09 23.16
CA ALA B 405 7.81 -31.44 24.40
C ALA B 405 7.93 -29.93 24.24
N VAL B 406 8.55 -29.50 23.15
CA VAL B 406 8.74 -28.07 22.92
C VAL B 406 7.39 -27.38 22.69
N LYS B 407 6.48 -28.00 21.94
CA LYS B 407 5.13 -27.43 21.76
C LYS B 407 4.47 -27.08 23.08
N VAL B 408 4.53 -27.98 24.04
CA VAL B 408 3.93 -27.73 25.35
C VAL B 408 4.59 -26.53 26.01
N LYS B 409 5.90 -26.41 25.85
CA LYS B 409 6.61 -25.29 26.47
C LYS B 409 6.28 -23.96 25.75
N VAL B 410 6.20 -24.02 24.42
CA VAL B 410 5.84 -22.84 23.62
C VAL B 410 4.39 -22.39 23.96
N ALA B 411 3.45 -23.33 24.05
CA ALA B 411 2.08 -22.97 24.39
C ALA B 411 2.03 -22.25 25.73
N ALA B 412 2.78 -22.74 26.70
CA ALA B 412 2.78 -22.12 28.01
C ALA B 412 3.38 -20.70 27.93
N LEU B 413 4.40 -20.52 27.12
CA LEU B 413 4.99 -19.20 26.97
C LEU B 413 4.03 -18.26 26.27
N CYS B 414 3.40 -18.74 25.20
CA CYS B 414 2.43 -17.93 24.44
C CYS B 414 1.27 -17.49 25.34
N LYS B 415 0.84 -18.39 26.23
CA LYS B 415 -0.25 -18.08 27.12
C LYS B 415 0.16 -17.08 28.21
N ALA B 416 1.40 -17.21 28.66
CA ALA B 416 1.95 -16.29 29.64
C ALA B 416 2.20 -14.91 29.06
N CYS B 417 2.45 -14.85 27.76
CA CYS B 417 2.74 -13.60 27.07
C CYS B 417 1.80 -13.39 25.87
N PRO B 418 0.52 -13.12 26.16
CA PRO B 418 -0.47 -12.91 25.11
C PRO B 418 -0.17 -11.63 24.31
N VAL B 419 -0.49 -11.62 23.03
CA VAL B 419 -0.19 -10.46 22.21
C VAL B 419 -1.23 -9.38 22.45
N TYR B 420 -2.49 -9.77 22.33
CA TYR B 420 -3.64 -8.89 22.53
C TYR B 420 -4.59 -9.52 23.53
N GLY B 421 -5.30 -8.70 24.28
CA GLY B 421 -6.36 -9.22 25.14
C GLY B 421 -6.88 -8.18 26.09
N LEU B 422 -7.51 -8.65 27.18
CA LEU B 422 -8.09 -7.79 28.21
C LEU B 422 -7.63 -8.23 29.60
S SO4 C . -11.17 12.87 -10.95
O1 SO4 C . -11.44 12.16 -12.19
O2 SO4 C . -11.75 14.21 -11.04
O3 SO4 C . -9.75 12.95 -10.69
O4 SO4 C . -11.79 12.16 -9.83
S SO4 D . -3.90 4.89 -7.61
O1 SO4 D . -4.37 6.17 -7.06
O2 SO4 D . -4.26 4.77 -9.02
O3 SO4 D . -2.42 4.75 -7.63
O4 SO4 D . -4.54 3.79 -6.87
S SO4 E . 8.13 -3.63 2.16
O1 SO4 E . 7.98 -3.27 0.73
O2 SO4 E . 7.31 -2.78 3.04
O3 SO4 E . 9.51 -3.33 2.52
O4 SO4 E . 7.79 -5.05 2.36
S SO4 F . -17.17 -17.84 -2.63
O1 SO4 F . -17.67 -18.92 -3.46
O2 SO4 F . -17.94 -16.62 -2.90
O3 SO4 F . -15.75 -17.64 -2.95
O4 SO4 F . -17.30 -18.17 -1.22
CL CL G . -12.22 0.52 -9.19
CL CL H . -23.48 -8.45 7.13
CL CL I . -5.86 4.29 24.84
C1 GOL J . 0.28 -16.55 -8.09
O1 GOL J . 0.24 -17.96 -8.22
C2 GOL J . -0.83 -15.94 -8.90
O2 GOL J . -2.08 -16.46 -8.51
C3 GOL J . -0.76 -14.42 -8.70
O3 GOL J . -1.80 -13.90 -7.92
H11 GOL J . 1.25 -16.18 -8.44
H12 GOL J . 0.17 -16.29 -7.04
HO1 GOL J . 1.01 -18.35 -7.76
H2 GOL J . -0.66 -16.16 -9.95
HO2 GOL J . -2.23 -16.26 -7.56
H31 GOL J . -0.78 -13.94 -9.68
H32 GOL J . 0.19 -14.18 -8.23
HO3 GOL J . -2.59 -13.74 -8.48
C1 GOL K . -22.11 -7.52 -22.65
O1 GOL K . -22.50 -8.49 -23.60
C2 GOL K . -22.03 -6.07 -23.15
O2 GOL K . -21.27 -5.92 -24.31
C3 GOL K . -23.41 -5.44 -23.33
O3 GOL K . -23.36 -4.05 -23.58
H11 GOL K . -21.14 -7.80 -22.25
H12 GOL K . -22.82 -7.56 -21.82
HO1 GOL K . -22.45 -9.39 -23.20
H2 GOL K . -21.54 -5.50 -22.36
HO2 GOL K . -21.74 -6.36 -25.07
H31 GOL K . -24.00 -5.61 -22.42
H32 GOL K . -23.92 -5.92 -24.15
HO3 GOL K . -22.64 -3.86 -24.21
C1 GOL L . -32.37 29.44 -5.61
O1 GOL L . -33.72 29.82 -5.45
C2 GOL L . -31.90 28.91 -4.27
O2 GOL L . -33.01 28.29 -3.61
C3 GOL L . -30.73 27.93 -4.48
O3 GOL L . -31.13 26.78 -5.18
H11 GOL L . -32.28 28.68 -6.37
H12 GOL L . -31.77 30.31 -5.90
HO1 GOL L . -34.05 30.23 -6.27
H2 GOL L . -31.54 29.74 -3.67
HO2 GOL L . -33.33 27.53 -4.13
H31 GOL L . -29.94 28.44 -5.03
H32 GOL L . -30.32 27.65 -3.51
HO3 GOL L . -31.27 27.01 -6.13
C1 GOL M . -25.75 38.57 -1.37
O1 GOL M . -26.11 37.26 -1.16
C2 GOL M . -26.91 39.21 -0.72
O2 GOL M . -26.47 39.12 0.63
C3 GOL M . -27.03 40.64 -1.24
O3 GOL M . -26.38 41.48 -0.26
H11 GOL M . -24.81 38.83 -0.88
H12 GOL M . -25.70 38.82 -2.43
HO1 GOL M . -25.46 36.68 -1.59
H2 GOL M . -27.83 38.65 -0.89
HO2 GOL M . -25.59 39.53 0.72
H31 GOL M . -26.54 40.73 -2.21
H32 GOL M . -28.07 40.93 -1.34
HO3 GOL M . -25.43 41.57 -0.49
S SO4 N . 13.65 -11.31 7.44
O1 SO4 N . 13.48 -11.10 5.99
O2 SO4 N . 12.35 -11.22 8.10
O3 SO4 N . 14.56 -10.29 7.96
O4 SO4 N . 14.12 -12.69 7.69
C1 GOL O . 3.57 -0.09 20.16
O1 GOL O . 2.92 1.04 20.77
C2 GOL O . 4.89 0.27 19.45
O2 GOL O . 5.74 -0.85 19.57
C3 GOL O . 4.78 0.46 17.94
O3 GOL O . 4.85 1.78 17.50
H11 GOL O . 2.89 -0.53 19.42
H12 GOL O . 3.77 -0.84 20.92
HO1 GOL O . 2.07 0.76 21.14
H2 GOL O . 5.35 1.15 19.92
HO2 GOL O . 5.33 -1.62 19.11
H31 GOL O . 3.83 0.04 17.61
H32 GOL O . 5.57 -0.11 17.45
HO3 GOL O . 5.67 1.91 16.99
C1 GOL P . 16.85 10.75 17.80
O1 GOL P . 16.23 11.13 19.02
C2 GOL P . 17.09 11.98 16.91
O2 GOL P . 16.34 13.09 17.39
C3 GOL P . 18.59 12.33 16.86
O3 GOL P . 18.86 13.41 15.98
H11 GOL P . 16.21 10.05 17.27
H12 GOL P . 17.80 10.27 18.01
HO1 GOL P . 16.03 10.32 19.55
H2 GOL P . 16.77 11.73 15.91
HO2 GOL P . 16.64 13.33 18.29
H31 GOL P . 19.15 11.46 16.55
H32 GOL P . 18.93 12.60 17.87
HO3 GOL P . 18.08 13.56 15.41
C1 GOL Q . 6.05 16.17 2.03
O1 GOL Q . 5.66 15.10 2.88
C2 GOL Q . 5.36 17.46 2.48
O2 GOL Q . 5.97 17.89 3.68
C3 GOL Q . 5.44 18.56 1.43
O3 GOL Q . 6.72 18.50 0.86
H11 GOL Q . 5.78 15.95 1.00
H12 GOL Q . 7.14 16.31 2.07
HO1 GOL Q . 6.06 14.27 2.55
H2 GOL Q . 4.31 17.23 2.66
HO2 GOL Q . 6.90 18.11 3.50
H31 GOL Q . 5.28 19.53 1.89
H32 GOL Q . 4.68 18.42 0.66
HO3 GOL Q . 7.14 19.39 0.91
#